data_9L5Y
#
_entry.id   9L5Y
#
_cell.length_a   1.00
_cell.length_b   1.00
_cell.length_c   1.00
_cell.angle_alpha   90.00
_cell.angle_beta   90.00
_cell.angle_gamma   90.00
#
_symmetry.space_group_name_H-M   'P 1'
#
loop_
_entity.id
_entity.type
_entity.pdbx_description
1 polymer 'TROVE domain-containing protein'
2 polymer 'RNA (62-MER)'
#
loop_
_entity_poly.entity_id
_entity_poly.type
_entity_poly.pdbx_seq_one_letter_code
_entity_poly.pdbx_strand_id
1 'polypeptide(L)'
;HHHHHHSSGLVPRGSHMETGTKTYEGAKAYKRSPHGELFTLVASSLFLGDNTYYEYGGERVERFINLATTLSKEDPEYVA
SLANYARNELGLRSNPAALVAHLFYSNALEERRDLILATTKKVWQRGDDHLETLAYVKAVGWKLRSALKKAIAERLNDIP
PSLLLKYKRARRVVSQRLAIRLTHPRPRDEERSLLFQYIVKGSRASEEAKKLAEEVMEERPTWERIISSKGSTPETWLEA
LPHLNGLSLVRNLNNLFKHGLLENLEVKKTIEDKFSRSGSWKIFPFQYYSALKMGEKEGWPYWIMALLEEALESSAPETR
LEGETLFLVDVSGSMYYPVSRNSNLHMAEAASVLATVLVKRLGGELWTFADEAQDYTGHTHLSTYSLVRKIVREGRGGTY
LERAIRKAILDRSWTGRRVVIITDEQTHDMPWEALKDWLRSGENRVAHIINVAGYLPTAFPEDRIAKVGGWSDKIITLIE
SLEVGEEGIRNFLVSNYLPP
;
A,B
2 'polyribonucleotide' UGCGCGAGGCGAAGCUAACUCUUUUCACUAAGGCUAGGAAGAGGAAAGACGCUCCUCGGGGA D,F
#
loop_
_chem_comp.id
_chem_comp.type
_chem_comp.name
_chem_comp.formula
A RNA linking ADENOSINE-5'-MONOPHOSPHATE 'C10 H14 N5 O7 P'
C RNA linking CYTIDINE-5'-MONOPHOSPHATE 'C9 H14 N3 O8 P'
G RNA linking GUANOSINE-5'-MONOPHOSPHATE 'C10 H14 N5 O8 P'
U RNA linking URIDINE-5'-MONOPHOSPHATE 'C9 H13 N2 O9 P'
#
# COMPACT_ATOMS: atom_id res chain seq x y z
N SER A 33 -54.21 -8.08 -8.05
CA SER A 33 -53.93 -7.65 -6.68
C SER A 33 -53.48 -6.19 -6.65
N PRO A 34 -54.35 -5.31 -6.16
CA PRO A 34 -54.00 -3.89 -6.12
C PRO A 34 -52.80 -3.56 -5.26
N HIS A 35 -52.56 -4.32 -4.18
CA HIS A 35 -51.45 -4.02 -3.29
C HIS A 35 -50.11 -4.12 -3.99
N GLY A 36 -49.86 -5.26 -4.65
CA GLY A 36 -48.61 -5.44 -5.35
C GLY A 36 -48.47 -4.50 -6.53
N GLU A 37 -49.58 -4.20 -7.20
CA GLU A 37 -49.54 -3.24 -8.31
C GLU A 37 -49.12 -1.87 -7.83
N LEU A 38 -49.69 -1.40 -6.72
CA LEU A 38 -49.27 -0.11 -6.16
C LEU A 38 -47.81 -0.16 -5.74
N PHE A 39 -47.39 -1.26 -5.12
CA PHE A 39 -46.00 -1.39 -4.69
C PHE A 39 -45.04 -1.24 -5.88
N THR A 40 -45.27 -2.01 -6.94
CA THR A 40 -44.35 -1.96 -8.08
C THR A 40 -44.48 -0.64 -8.83
N LEU A 41 -45.64 0.01 -8.75
CA LEU A 41 -45.78 1.32 -9.35
C LEU A 41 -44.93 2.36 -8.65
N VAL A 42 -45.03 2.44 -7.32
CA VAL A 42 -44.32 3.48 -6.60
C VAL A 42 -42.82 3.20 -6.56
N ALA A 43 -42.44 1.94 -6.29
CA ALA A 43 -41.07 1.64 -5.90
C ALA A 43 -40.03 1.97 -6.96
N SER A 44 -40.39 1.89 -8.25
CA SER A 44 -39.40 1.88 -9.32
C SER A 44 -38.56 3.16 -9.38
N SER A 45 -39.02 4.27 -8.79
CA SER A 45 -38.27 5.51 -8.91
C SER A 45 -37.01 5.55 -8.05
N LEU A 46 -36.77 4.54 -7.21
CA LEU A 46 -35.51 4.48 -6.48
C LEU A 46 -34.32 4.34 -7.43
N PHE A 47 -34.51 3.65 -8.55
CA PHE A 47 -33.49 3.67 -9.60
C PHE A 47 -33.96 4.34 -10.89
N LEU A 48 -35.23 4.72 -10.99
CA LEU A 48 -35.71 5.48 -12.13
C LEU A 48 -35.69 6.99 -11.89
N GLY A 49 -35.23 7.44 -10.73
CA GLY A 49 -35.14 8.86 -10.44
C GLY A 49 -36.03 9.31 -9.29
N GLY A 57 -51.75 14.35 -17.89
CA GLY A 57 -52.24 12.98 -18.02
C GLY A 57 -51.13 11.95 -17.92
N GLY A 58 -51.23 10.91 -18.74
CA GLY A 58 -50.23 9.83 -18.72
C GLY A 58 -50.84 8.56 -18.15
N GLU A 59 -50.44 7.44 -18.74
CA GLU A 59 -50.94 6.15 -18.29
C GLU A 59 -50.45 5.83 -16.88
N ARG A 60 -49.14 6.00 -16.64
CA ARG A 60 -48.60 5.74 -15.31
C ARG A 60 -49.20 6.69 -14.28
N VAL A 61 -49.35 7.98 -14.65
CA VAL A 61 -49.92 8.95 -13.73
C VAL A 61 -51.37 8.61 -13.42
N GLU A 62 -52.15 8.22 -14.44
CA GLU A 62 -53.54 7.87 -14.21
C GLU A 62 -53.67 6.64 -13.31
N ARG A 63 -52.85 5.61 -13.56
CA ARG A 63 -52.85 4.46 -12.66
C ARG A 63 -52.47 4.87 -11.25
N PHE A 64 -51.50 5.78 -11.12
CA PHE A 64 -51.12 6.29 -9.82
C PHE A 64 -52.31 6.90 -9.10
N ILE A 65 -53.02 7.81 -9.76
CA ILE A 65 -54.15 8.48 -9.11
C ILE A 65 -55.24 7.47 -8.73
N ASN A 66 -55.63 6.62 -9.67
CA ASN A 66 -56.74 5.71 -9.39
C ASN A 66 -56.39 4.73 -8.26
N LEU A 67 -55.23 4.08 -8.36
CA LEU A 67 -54.84 3.10 -7.35
C LEU A 67 -54.62 3.78 -6.00
N ALA A 68 -53.98 4.95 -5.98
CA ALA A 68 -53.74 5.63 -4.71
C ALA A 68 -55.05 6.01 -4.03
N THR A 69 -56.00 6.56 -4.79
CA THR A 69 -57.28 6.93 -4.18
C THR A 69 -58.03 5.69 -3.69
N THR A 70 -58.07 4.64 -4.50
CA THR A 70 -58.82 3.45 -4.12
C THR A 70 -58.22 2.80 -2.87
N LEU A 71 -56.90 2.65 -2.82
CA LEU A 71 -56.26 1.99 -1.69
C LEU A 71 -56.06 2.90 -0.49
N SER A 72 -56.23 4.22 -0.64
CA SER A 72 -56.38 5.06 0.55
C SER A 72 -57.79 4.92 1.11
N LYS A 73 -58.78 4.71 0.24
CA LYS A 73 -60.13 4.47 0.72
C LYS A 73 -60.24 3.14 1.45
N GLU A 74 -59.68 2.07 0.87
CA GLU A 74 -59.84 0.74 1.47
C GLU A 74 -58.80 0.45 2.55
N ASP A 75 -57.51 0.52 2.21
CA ASP A 75 -56.44 0.09 3.10
C ASP A 75 -55.41 1.20 3.25
N PRO A 76 -55.74 2.26 4.00
CA PRO A 76 -54.75 3.33 4.23
C PRO A 76 -53.53 2.87 5.01
N GLU A 77 -53.65 1.82 5.83
CA GLU A 77 -52.49 1.29 6.53
C GLU A 77 -51.45 0.78 5.54
N TYR A 78 -51.90 0.09 4.49
CA TYR A 78 -50.99 -0.39 3.46
C TYR A 78 -50.28 0.76 2.78
N VAL A 79 -51.01 1.83 2.45
CA VAL A 79 -50.38 2.95 1.75
C VAL A 79 -49.41 3.69 2.66
N ALA A 80 -49.72 3.76 3.96
CA ALA A 80 -48.81 4.41 4.89
C ALA A 80 -47.52 3.62 5.03
N SER A 81 -47.64 2.30 5.21
CA SER A 81 -46.44 1.46 5.30
C SER A 81 -45.65 1.51 4.01
N LEU A 82 -46.33 1.53 2.87
CA LEU A 82 -45.65 1.56 1.58
C LEU A 82 -44.91 2.88 1.39
N ALA A 83 -45.52 4.00 1.80
CA ALA A 83 -44.84 5.28 1.71
C ALA A 83 -43.62 5.33 2.61
N ASN A 84 -43.76 4.81 3.84
CA ASN A 84 -42.60 4.74 4.74
C ASN A 84 -41.46 3.93 4.12
N TYR A 85 -41.80 2.76 3.57
CA TYR A 85 -40.79 1.92 2.91
C TYR A 85 -40.14 2.66 1.75
N ALA A 86 -40.95 3.20 0.84
CA ALA A 86 -40.42 3.86 -0.34
C ALA A 86 -39.62 5.11 -0.01
N ARG A 87 -39.83 5.69 1.16
CA ARG A 87 -39.04 6.86 1.54
C ARG A 87 -37.72 6.49 2.20
N ASN A 88 -37.73 5.57 3.16
CA ASN A 88 -36.56 5.37 4.01
C ASN A 88 -35.64 4.24 3.58
N GLU A 89 -36.12 3.25 2.83
CA GLU A 89 -35.23 2.14 2.47
C GLU A 89 -34.94 2.09 0.98
N LEU A 90 -35.98 2.02 0.14
CA LEU A 90 -35.76 2.06 -1.30
C LEU A 90 -35.09 3.35 -1.72
N GLY A 91 -35.61 4.48 -1.25
CA GLY A 91 -35.05 5.79 -1.56
C GLY A 91 -35.84 6.48 -2.65
N LEU A 92 -36.77 7.33 -2.24
CA LEU A 92 -37.64 8.06 -3.15
C LEU A 92 -38.13 9.30 -2.40
N ARG A 93 -38.30 10.39 -3.13
CA ARG A 93 -38.69 11.64 -2.50
C ARG A 93 -40.04 12.15 -2.98
N SER A 94 -40.26 12.23 -4.30
CA SER A 94 -41.51 12.76 -4.80
C SER A 94 -42.69 11.82 -4.53
N ASN A 95 -42.52 10.54 -4.86
CA ASN A 95 -43.62 9.59 -4.75
C ASN A 95 -44.13 9.37 -3.32
N PRO A 96 -43.29 9.22 -2.29
CA PRO A 96 -43.86 9.05 -0.94
C PRO A 96 -44.72 10.21 -0.48
N ALA A 97 -44.26 11.45 -0.71
CA ALA A 97 -45.07 12.59 -0.32
C ALA A 97 -46.28 12.76 -1.24
N ALA A 98 -46.17 12.27 -2.47
CA ALA A 98 -47.35 12.22 -3.35
C ALA A 98 -48.41 11.29 -2.77
N LEU A 99 -47.99 10.13 -2.26
CA LEU A 99 -48.93 9.23 -1.62
C LEU A 99 -49.50 9.85 -0.35
N VAL A 100 -48.68 10.62 0.37
CA VAL A 100 -49.20 11.34 1.54
C VAL A 100 -50.27 12.34 1.13
N ALA A 101 -50.04 13.08 0.03
CA ALA A 101 -51.04 14.03 -0.46
C ALA A 101 -52.31 13.31 -0.89
N HIS A 102 -52.17 12.14 -1.51
CA HIS A 102 -53.34 11.34 -1.84
C HIS A 102 -54.10 10.91 -0.58
N LEU A 103 -53.36 10.54 0.47
CA LEU A 103 -53.99 10.17 1.73
C LEU A 103 -54.68 11.36 2.37
N PHE A 104 -54.22 12.58 2.06
CA PHE A 104 -54.91 13.79 2.49
C PHE A 104 -56.22 14.02 1.77
N TYR A 105 -56.52 13.23 0.73
CA TYR A 105 -57.67 13.46 -0.15
C TYR A 105 -58.64 12.29 -0.15
N SER A 106 -58.97 11.76 1.03
CA SER A 106 -59.92 10.67 1.14
C SER A 106 -60.52 10.70 2.55
N ASN A 107 -61.44 9.76 2.80
CA ASN A 107 -62.05 9.64 4.12
C ASN A 107 -61.02 9.31 5.18
N ALA A 108 -59.90 8.68 4.81
CA ALA A 108 -58.84 8.37 5.77
C ALA A 108 -58.26 9.62 6.40
N LEU A 109 -58.48 10.80 5.81
CA LEU A 109 -58.09 12.03 6.47
C LEU A 109 -58.87 12.23 7.76
N GLU A 110 -60.19 12.00 7.72
CA GLU A 110 -61.00 12.11 8.93
C GLU A 110 -60.82 10.91 9.84
N GLU A 111 -60.81 9.70 9.28
CA GLU A 111 -60.77 8.51 10.13
C GLU A 111 -59.38 8.23 10.71
N ARG A 112 -58.31 8.49 9.95
CA ARG A 112 -56.97 8.07 10.33
C ARG A 112 -55.99 9.24 10.21
N ARG A 113 -56.36 10.36 10.81
CA ARG A 113 -55.52 11.57 10.78
C ARG A 113 -54.15 11.28 11.41
N ASP A 114 -54.12 10.49 12.48
CA ASP A 114 -52.83 10.14 13.11
C ASP A 114 -51.97 9.32 12.15
N LEU A 115 -52.59 8.47 11.33
CA LEU A 115 -51.84 7.73 10.31
C LEU A 115 -51.23 8.69 9.30
N ILE A 116 -51.95 9.75 8.96
CA ILE A 116 -51.41 10.77 8.05
C ILE A 116 -50.24 11.49 8.70
N LEU A 117 -50.34 11.78 10.00
CA LEU A 117 -49.20 12.36 10.70
C LEU A 117 -47.99 11.43 10.64
N ALA A 118 -48.23 10.13 10.84
CA ALA A 118 -47.14 9.17 10.80
C ALA A 118 -46.47 9.14 9.44
N THR A 119 -47.26 9.06 8.37
CA THR A 119 -46.67 9.00 7.04
C THR A 119 -46.01 10.32 6.66
N THR A 120 -46.57 11.45 7.11
CA THR A 120 -45.96 12.75 6.84
C THR A 120 -44.61 12.86 7.53
N LYS A 121 -44.51 12.40 8.78
CA LYS A 121 -43.22 12.42 9.47
C LYS A 121 -42.22 11.47 8.81
N LYS A 122 -42.67 10.27 8.44
CA LYS A 122 -41.76 9.28 7.85
C LYS A 122 -41.41 9.58 6.40
N VAL A 123 -42.08 10.54 5.77
CA VAL A 123 -41.80 10.87 4.37
C VAL A 123 -41.01 12.18 4.29
N TRP A 124 -41.39 13.17 5.10
CA TRP A 124 -40.75 14.49 5.04
C TRP A 124 -39.42 14.41 5.79
N GLN A 125 -38.40 13.93 5.09
CA GLN A 125 -37.07 13.77 5.65
C GLN A 125 -36.23 15.03 5.43
N GLY A 127 -36.34 20.79 5.79
CA GLY A 127 -36.21 20.18 4.47
C GLY A 127 -37.12 20.81 3.44
N ASP A 128 -37.18 20.21 2.26
CA ASP A 128 -38.02 20.70 1.17
C ASP A 128 -39.01 19.65 0.67
N ASP A 129 -39.38 18.69 1.51
CA ASP A 129 -40.39 17.72 1.12
C ASP A 129 -41.78 18.34 1.12
N HIS A 130 -42.02 19.29 2.02
CA HIS A 130 -43.25 20.09 1.92
C HIS A 130 -43.32 20.81 0.59
N LEU A 131 -42.17 21.30 0.11
CA LEU A 131 -42.13 21.90 -1.21
C LEU A 131 -42.57 20.88 -2.26
N GLU A 132 -42.18 19.62 -2.08
CA GLU A 132 -42.62 18.58 -3.01
C GLU A 132 -44.13 18.39 -2.93
N THR A 133 -44.69 18.44 -1.72
CA THR A 133 -46.14 18.25 -1.60
C THR A 133 -46.92 19.37 -2.28
N LEU A 134 -46.51 20.63 -2.07
CA LEU A 134 -47.14 21.72 -2.83
C LEU A 134 -46.90 21.57 -4.32
N ALA A 135 -45.71 21.13 -4.72
CA ALA A 135 -45.43 20.95 -6.15
C ALA A 135 -46.36 19.93 -6.76
N TYR A 136 -46.57 18.81 -6.07
CA TYR A 136 -47.51 17.79 -6.54
C TYR A 136 -48.92 18.35 -6.62
N VAL A 137 -49.39 18.98 -5.54
CA VAL A 137 -50.76 19.48 -5.52
C VAL A 137 -51.01 20.49 -6.64
N LYS A 138 -50.02 21.35 -6.90
CA LYS A 138 -50.17 22.33 -7.97
C LYS A 138 -50.12 21.67 -9.34
N ALA A 139 -49.16 20.77 -9.56
CA ALA A 139 -48.98 20.19 -10.89
C ALA A 139 -50.16 19.33 -11.29
N VAL A 140 -50.70 18.53 -10.37
CA VAL A 140 -51.81 17.65 -10.72
C VAL A 140 -53.17 18.26 -10.41
N GLY A 141 -53.20 19.51 -9.95
CA GLY A 141 -54.39 20.33 -10.06
C GLY A 141 -55.43 20.20 -8.97
N TRP A 142 -55.14 19.53 -7.86
CA TRP A 142 -56.11 19.43 -6.78
C TRP A 142 -56.14 20.70 -5.95
N LYS A 143 -57.30 20.98 -5.36
CA LYS A 143 -57.47 22.18 -4.55
C LYS A 143 -56.67 22.07 -3.26
N LEU A 144 -56.27 23.22 -2.73
CA LEU A 144 -55.44 23.28 -1.52
C LEU A 144 -56.35 23.12 -0.31
N ARG A 145 -56.34 21.94 0.29
CA ARG A 145 -57.18 21.64 1.44
C ARG A 145 -56.78 22.45 2.66
N SER A 146 -57.78 22.80 3.48
CA SER A 146 -57.52 23.57 4.68
C SER A 146 -56.66 22.81 5.68
N ALA A 147 -56.95 21.52 5.89
CA ALA A 147 -56.11 20.71 6.74
C ALA A 147 -54.70 20.59 6.17
N LEU A 148 -54.60 20.46 4.84
CA LEU A 148 -53.30 20.49 4.19
C LEU A 148 -52.62 21.83 4.42
N LYS A 149 -53.39 22.92 4.40
CA LYS A 149 -52.82 24.24 4.68
C LYS A 149 -52.23 24.30 6.09
N LYS A 150 -52.96 23.79 7.09
CA LYS A 150 -52.45 23.86 8.45
C LYS A 150 -51.23 22.96 8.64
N ALA A 151 -51.23 21.79 7.99
CA ALA A 151 -50.07 20.91 8.07
C ALA A 151 -48.84 21.56 7.43
N ILE A 152 -49.02 22.17 6.26
CA ILE A 152 -47.93 22.83 5.58
C ILE A 152 -47.43 24.02 6.39
N ALA A 153 -48.34 24.76 7.01
CA ALA A 153 -47.95 25.90 7.84
C ALA A 153 -47.14 25.44 9.06
N GLU A 154 -47.57 24.35 9.70
CA GLU A 154 -46.82 23.82 10.82
C GLU A 154 -45.43 23.36 10.38
N ARG A 155 -45.34 22.69 9.23
CA ARG A 155 -44.04 22.28 8.72
C ARG A 155 -43.14 23.49 8.42
N LEU A 156 -43.72 24.52 7.81
CA LEU A 156 -42.94 25.71 7.48
C LEU A 156 -42.45 26.42 8.73
N ASN A 157 -43.29 26.52 9.75
CA ASN A 157 -42.92 27.23 10.97
C ASN A 157 -42.06 26.40 11.91
N ASP A 158 -41.97 25.08 11.69
CA ASP A 158 -41.19 24.22 12.55
C ASP A 158 -39.87 23.76 11.93
N ILE A 159 -39.73 23.87 10.62
CA ILE A 159 -38.49 23.42 9.95
C ILE A 159 -37.33 24.32 10.37
N PRO A 160 -36.16 23.77 10.69
CA PRO A 160 -35.01 24.60 11.06
C PRO A 160 -34.62 25.54 9.93
N PRO A 161 -34.18 26.76 10.26
CA PRO A 161 -33.88 27.74 9.20
C PRO A 161 -32.80 27.29 8.23
N SER A 162 -31.80 26.55 8.70
CA SER A 162 -30.69 26.16 7.82
C SER A 162 -31.18 25.33 6.65
N LEU A 163 -32.07 24.36 6.91
CA LEU A 163 -32.66 23.58 5.83
C LEU A 163 -33.58 24.42 4.97
N LEU A 164 -34.25 25.42 5.58
CA LEU A 164 -35.15 26.29 4.82
C LEU A 164 -34.40 27.16 3.82
N LEU A 165 -33.17 27.58 4.14
CA LEU A 165 -32.40 28.36 3.18
C LEU A 165 -31.58 27.48 2.23
N LYS A 166 -30.96 26.42 2.73
CA LYS A 166 -30.25 25.50 1.85
C LYS A 166 -31.19 24.85 0.85
N TYR A 167 -32.49 24.82 1.15
CA TYR A 167 -33.51 24.35 0.23
C TYR A 167 -34.54 25.46 -0.01
N LYS A 168 -34.05 26.69 -0.14
CA LYS A 168 -34.93 27.83 -0.45
C LYS A 168 -35.60 27.63 -1.80
N ARG A 169 -34.85 27.17 -2.80
CA ARG A 169 -35.38 26.79 -4.11
C ARG A 169 -36.11 27.96 -4.78
N ALA A 170 -35.46 29.12 -4.79
CA ALA A 170 -36.04 30.30 -5.43
C ALA A 170 -36.25 30.09 -6.92
N ARG A 171 -35.31 29.39 -7.58
CA ARG A 171 -35.40 29.21 -9.02
C ARG A 171 -36.59 28.34 -9.41
N ARG A 172 -37.06 27.48 -8.52
CA ARG A 172 -38.18 26.61 -8.82
C ARG A 172 -39.48 27.40 -8.83
N VAL A 173 -40.40 26.99 -9.70
CA VAL A 173 -41.71 27.63 -9.77
C VAL A 173 -42.45 27.45 -8.45
N VAL A 174 -42.47 26.21 -7.95
CA VAL A 174 -43.03 25.94 -6.63
C VAL A 174 -41.92 26.16 -5.61
N SER A 175 -41.77 27.39 -5.16
CA SER A 175 -40.68 27.78 -4.27
C SER A 175 -41.20 27.92 -2.84
N GLN A 176 -40.29 28.26 -1.93
CA GLN A 176 -40.68 28.65 -0.59
C GLN A 176 -41.52 29.93 -0.62
N ARG A 177 -41.16 30.86 -1.51
CA ARG A 177 -41.96 32.06 -1.68
C ARG A 177 -43.37 31.74 -2.15
N LEU A 178 -43.50 30.82 -3.12
CA LEU A 178 -44.83 30.42 -3.56
C LEU A 178 -45.60 29.71 -2.46
N ALA A 179 -44.92 28.90 -1.64
CA ALA A 179 -45.57 28.25 -0.52
C ALA A 179 -46.11 29.29 0.47
N ILE A 180 -45.32 30.33 0.75
CA ILE A 180 -45.78 31.39 1.63
C ILE A 180 -46.97 32.13 1.01
N ARG A 181 -46.90 32.41 -0.30
CA ARG A 181 -47.99 33.10 -0.97
C ARG A 181 -49.26 32.27 -1.04
N LEU A 182 -49.15 30.95 -0.99
CA LEU A 182 -50.32 30.08 -1.10
C LEU A 182 -50.92 29.73 0.26
N THR A 183 -50.09 29.53 1.29
CA THR A 183 -50.58 29.11 2.59
C THR A 183 -50.55 30.20 3.66
N HIS A 184 -49.70 31.21 3.50
CA HIS A 184 -49.55 32.31 4.44
C HIS A 184 -49.21 31.79 5.84
N PRO A 185 -48.00 31.27 6.04
CA PRO A 185 -47.62 30.78 7.37
C PRO A 185 -47.59 31.91 8.39
N ARG A 186 -47.91 31.57 9.63
CA ARG A 186 -47.96 32.55 10.70
C ARG A 186 -46.59 32.64 11.39
N PRO A 187 -45.92 33.78 11.37
CA PRO A 187 -44.62 33.88 12.05
C PRO A 187 -44.76 33.83 13.56
N ARG A 188 -44.26 32.75 14.17
CA ARG A 188 -44.36 32.59 15.61
C ARG A 188 -43.39 33.51 16.34
N ASP A 189 -42.35 33.98 15.67
CA ASP A 189 -41.37 34.88 16.28
C ASP A 189 -40.78 35.79 15.21
N GLU A 190 -40.10 36.85 15.67
CA GLU A 190 -39.65 37.90 14.78
C GLU A 190 -38.64 37.39 13.75
N GLU A 191 -37.71 36.54 14.16
CA GLU A 191 -36.65 36.08 13.26
C GLU A 191 -37.22 35.22 12.13
N ARG A 192 -38.21 34.39 12.42
CA ARG A 192 -38.90 33.65 11.37
C ARG A 192 -39.61 34.60 10.41
N SER A 193 -40.25 35.64 10.94
CA SER A 193 -40.90 36.62 10.08
C SER A 193 -39.89 37.32 9.19
N LEU A 194 -38.68 37.56 9.69
CA LEU A 194 -37.65 38.19 8.87
C LEU A 194 -37.19 37.26 7.76
N LEU A 195 -37.05 35.96 8.06
CA LEU A 195 -36.77 35.02 6.98
C LEU A 195 -37.88 35.05 5.93
N PHE A 196 -39.14 35.04 6.36
CA PHE A 196 -40.25 35.07 5.41
C PHE A 196 -40.22 36.34 4.57
N GLN A 197 -39.89 37.48 5.19
CA GLN A 197 -39.73 38.72 4.45
C GLN A 197 -38.62 38.61 3.41
N TYR A 198 -37.51 37.98 3.79
CA TYR A 198 -36.43 37.78 2.83
C TYR A 198 -36.89 36.95 1.64
N ILE A 199 -37.63 35.86 1.90
CA ILE A 199 -38.13 35.04 0.80
C ILE A 199 -39.06 35.86 -0.10
N VAL A 200 -39.96 36.64 0.50
CA VAL A 200 -40.98 37.28 -0.31
C VAL A 200 -40.44 38.50 -1.04
N LYS A 201 -39.33 39.08 -0.59
CA LYS A 201 -38.85 40.32 -1.20
C LYS A 201 -37.45 40.28 -1.77
N GLY A 202 -36.75 39.15 -1.74
CA GLY A 202 -35.44 39.09 -2.38
C GLY A 202 -34.46 40.04 -1.75
N SER A 203 -33.57 40.59 -2.59
CA SER A 203 -32.63 41.60 -2.14
C SER A 203 -33.32 42.93 -1.82
N ARG A 204 -34.54 43.12 -2.31
CA ARG A 204 -35.31 44.33 -2.04
C ARG A 204 -35.97 44.32 -0.66
N ALA A 205 -35.65 43.34 0.18
CA ALA A 205 -36.24 43.26 1.52
C ALA A 205 -35.55 44.25 2.45
N SER A 206 -35.98 44.25 3.71
CA SER A 206 -35.35 45.09 4.71
C SER A 206 -33.91 44.65 4.93
N GLU A 207 -33.05 45.62 5.23
CA GLU A 207 -31.64 45.31 5.47
C GLU A 207 -31.47 44.36 6.64
N GLU A 208 -32.35 44.44 7.64
CA GLU A 208 -32.28 43.52 8.77
C GLU A 208 -32.51 42.08 8.30
N ALA A 209 -33.49 41.87 7.41
CA ALA A 209 -33.72 40.54 6.87
C ALA A 209 -32.51 40.06 6.06
N LYS A 210 -31.91 40.95 5.27
CA LYS A 210 -30.76 40.55 4.47
C LYS A 210 -29.58 40.16 5.35
N LYS A 211 -29.30 40.94 6.40
CA LYS A 211 -28.18 40.59 7.28
C LYS A 211 -28.48 39.31 8.05
N LEU A 212 -29.74 39.11 8.46
CA LEU A 212 -30.11 37.86 9.10
C LEU A 212 -29.88 36.67 8.17
N ALA A 213 -30.26 36.80 6.90
CA ALA A 213 -30.03 35.73 5.94
C ALA A 213 -28.54 35.49 5.74
N GLU A 214 -27.74 36.57 5.74
CA GLU A 214 -26.30 36.41 5.55
C GLU A 214 -25.64 35.72 6.74
N GLU A 215 -26.08 36.02 7.96
CA GLU A 215 -25.45 35.42 9.13
C GLU A 215 -25.72 33.93 9.23
N VAL A 216 -26.99 33.54 9.28
CA VAL A 216 -27.35 32.14 9.55
C VAL A 216 -26.93 31.19 8.44
N MET A 217 -26.47 31.71 7.30
CA MET A 217 -25.86 30.88 6.28
C MET A 217 -24.33 30.87 6.37
N GLU A 218 -23.76 31.82 7.12
CA GLU A 218 -22.33 31.84 7.42
C GLU A 218 -22.00 31.41 8.84
N GLU A 219 -22.99 30.91 9.59
CA GLU A 219 -22.76 30.35 10.92
C GLU A 219 -22.98 28.85 10.89
N ARG A 220 -22.38 28.17 11.88
CA ARG A 220 -22.45 26.72 12.01
C ARG A 220 -22.17 26.02 10.67
N PRO A 221 -21.04 26.30 10.04
CA PRO A 221 -20.84 25.86 8.66
C PRO A 221 -20.30 24.44 8.57
N THR A 222 -20.71 23.75 7.51
CA THR A 222 -20.11 22.49 7.15
C THR A 222 -18.77 22.73 6.46
N TRP A 223 -18.09 21.64 6.09
CA TRP A 223 -16.81 21.79 5.42
C TRP A 223 -16.95 22.54 4.10
N GLU A 224 -18.07 22.33 3.39
CA GLU A 224 -18.29 23.04 2.13
C GLU A 224 -18.36 24.54 2.34
N ARG A 225 -19.08 24.98 3.37
CA ARG A 225 -19.23 26.41 3.60
C ARG A 225 -17.93 27.05 4.05
N ILE A 226 -17.18 26.37 4.92
CA ILE A 226 -15.87 26.89 5.32
C ILE A 226 -14.94 26.99 4.10
N ILE A 227 -14.98 25.96 3.25
CA ILE A 227 -14.12 25.96 2.06
C ILE A 227 -14.49 27.09 1.12
N SER A 228 -15.80 27.32 0.92
CA SER A 228 -16.24 28.38 0.02
C SER A 228 -15.89 29.75 0.58
N SER A 229 -16.07 29.94 1.90
CA SER A 229 -15.83 31.26 2.49
C SER A 229 -14.35 31.58 2.55
N LYS A 230 -13.52 30.62 2.99
CA LYS A 230 -12.10 30.87 3.23
C LYS A 230 -11.21 30.50 2.06
N GLY A 231 -11.76 29.95 0.98
CA GLY A 231 -10.98 29.59 -0.19
C GLY A 231 -10.38 28.20 -0.08
N SER A 232 -9.80 27.76 -1.19
CA SER A 232 -9.18 26.44 -1.29
C SER A 232 -7.67 26.60 -1.13
N THR A 233 -7.21 26.56 0.12
CA THR A 233 -5.80 26.67 0.47
C THR A 233 -5.52 25.68 1.59
N PRO A 234 -4.27 25.21 1.73
CA PRO A 234 -4.00 24.09 2.65
C PRO A 234 -4.46 24.29 4.08
N GLU A 235 -4.33 25.50 4.63
CA GLU A 235 -4.71 25.70 6.04
C GLU A 235 -6.21 25.55 6.22
N THR A 236 -7.02 26.05 5.29
CA THR A 236 -8.47 25.90 5.41
C THR A 236 -8.88 24.44 5.34
N TRP A 237 -8.22 23.65 4.49
CA TRP A 237 -8.49 22.22 4.45
C TRP A 237 -8.06 21.54 5.74
N LEU A 238 -6.95 22.01 6.35
CA LEU A 238 -6.54 21.44 7.63
C LEU A 238 -7.59 21.72 8.70
N GLU A 239 -8.15 22.93 8.72
CA GLU A 239 -9.24 23.24 9.65
C GLU A 239 -10.52 22.49 9.33
N ALA A 240 -10.77 22.18 8.06
CA ALA A 240 -11.98 21.47 7.67
C ALA A 240 -11.85 19.96 7.82
N LEU A 241 -10.65 19.45 8.03
CA LEU A 241 -10.48 18.02 8.29
C LEU A 241 -11.31 17.52 9.47
N PRO A 242 -11.37 18.21 10.62
CA PRO A 242 -12.27 17.73 11.69
C PRO A 242 -13.74 17.66 11.26
N HIS A 243 -14.18 18.59 10.42
CA HIS A 243 -15.56 18.60 9.95
C HIS A 243 -15.81 17.64 8.79
N LEU A 244 -14.75 17.07 8.21
CA LEU A 244 -14.88 16.09 7.15
C LEU A 244 -15.08 14.72 7.77
N ASN A 245 -16.30 14.19 7.68
CA ASN A 245 -16.64 12.92 8.31
C ASN A 245 -17.46 12.08 7.36
N GLY A 246 -17.01 10.85 7.12
CA GLY A 246 -17.75 9.90 6.33
C GLY A 246 -17.55 10.02 4.83
N LEU A 247 -18.65 9.87 4.07
CA LEU A 247 -18.59 9.93 2.62
C LEU A 247 -17.97 11.23 2.14
N SER A 248 -18.22 12.33 2.87
CA SER A 248 -17.62 13.61 2.50
C SER A 248 -16.10 13.54 2.51
N LEU A 249 -15.51 13.02 3.60
CA LEU A 249 -14.06 12.95 3.65
C LEU A 249 -13.53 11.90 2.67
N VAL A 250 -14.29 10.82 2.47
CA VAL A 250 -13.88 9.79 1.52
C VAL A 250 -13.74 10.39 0.13
N ARG A 251 -14.63 11.31 -0.22
CA ARG A 251 -14.55 11.97 -1.52
C ARG A 251 -13.63 13.19 -1.52
N ASN A 252 -13.28 13.72 -0.36
CA ASN A 252 -12.37 14.86 -0.26
C ASN A 252 -10.92 14.45 -0.05
N LEU A 253 -10.65 13.16 0.14
CA LEU A 253 -9.26 12.70 0.27
C LEU A 253 -8.44 13.02 -0.97
N ASN A 254 -9.07 13.04 -2.15
CA ASN A 254 -8.34 13.38 -3.37
C ASN A 254 -7.82 14.81 -3.31
N ASN A 255 -8.66 15.76 -2.84
CA ASN A 255 -8.19 17.12 -2.68
C ASN A 255 -7.17 17.23 -1.55
N LEU A 256 -7.39 16.48 -0.47
CA LEU A 256 -6.42 16.46 0.63
C LEU A 256 -5.04 16.06 0.13
N PHE A 257 -4.97 15.06 -0.75
CA PHE A 257 -3.67 14.67 -1.31
C PHE A 257 -3.19 15.68 -2.33
N LYS A 258 -4.11 16.29 -3.09
CA LYS A 258 -3.72 17.30 -4.06
C LYS A 258 -3.02 18.49 -3.40
N HIS A 259 -3.43 18.84 -2.18
CA HIS A 259 -2.76 19.88 -1.42
C HIS A 259 -1.64 19.35 -0.55
N GLY A 260 -1.29 18.07 -0.66
CA GLY A 260 -0.17 17.53 0.08
C GLY A 260 -0.43 17.28 1.54
N LEU A 261 -1.71 17.27 1.96
CA LEU A 261 -2.02 17.12 3.37
C LEU A 261 -1.81 15.69 3.86
N LEU A 262 -1.86 14.71 2.94
CA LEU A 262 -1.67 13.31 3.32
C LEU A 262 -0.26 13.03 3.84
N GLU A 263 0.72 13.87 3.49
CA GLU A 263 2.09 13.65 3.90
C GLU A 263 2.38 14.18 5.31
N ASN A 264 1.45 14.91 5.92
CA ASN A 264 1.66 15.46 7.25
C ASN A 264 1.31 14.43 8.31
N LEU A 265 2.11 14.40 9.38
CA LEU A 265 1.93 13.39 10.42
C LEU A 265 0.61 13.55 11.16
N GLU A 266 0.24 14.79 11.51
CA GLU A 266 -0.99 15.02 12.25
C GLU A 266 -2.22 14.61 11.45
N VAL A 267 -2.22 14.92 10.15
CA VAL A 267 -3.30 14.47 9.28
C VAL A 267 -3.33 12.95 9.22
N LYS A 268 -2.15 12.32 9.19
CA LYS A 268 -2.10 10.86 9.20
C LYS A 268 -2.74 10.29 10.46
N LYS A 269 -2.42 10.86 11.62
CA LYS A 269 -2.99 10.36 12.88
C LYS A 269 -4.49 10.58 12.92
N THR A 270 -4.95 11.76 12.49
CA THR A 270 -6.38 12.04 12.48
C THR A 270 -7.12 11.07 11.57
N ILE A 271 -6.59 10.86 10.36
CA ILE A 271 -7.25 9.98 9.40
C ILE A 271 -7.21 8.53 9.88
N GLU A 272 -6.15 8.15 10.60
CA GLU A 272 -6.08 6.78 11.13
C GLU A 272 -7.09 6.56 12.25
N ASP A 273 -7.14 7.49 13.21
CA ASP A 273 -8.13 7.38 14.29
C ASP A 273 -9.55 7.43 13.74
N LYS A 274 -9.74 8.15 12.63
CA LYS A 274 -11.05 8.22 12.00
C LYS A 274 -11.37 6.94 11.22
N PHE A 275 -10.36 6.35 10.56
CA PHE A 275 -10.56 5.08 9.89
C PHE A 275 -10.79 3.94 10.87
N SER A 276 -10.38 4.11 12.13
CA SER A 276 -10.74 3.12 13.14
C SER A 276 -12.25 3.00 13.29
N ARG A 277 -12.97 4.11 13.20
CA ARG A 277 -14.43 4.11 13.24
C ARG A 277 -15.05 4.09 11.85
N SER A 278 -14.24 4.10 10.80
CA SER A 278 -14.74 3.99 9.44
C SER A 278 -15.64 2.76 9.24
N GLY A 279 -15.44 1.71 10.03
CA GLY A 279 -16.22 0.50 9.83
C GLY A 279 -17.71 0.71 10.04
N SER A 280 -18.07 1.56 10.98
CA SER A 280 -19.46 1.79 11.35
C SER A 280 -20.17 2.80 10.45
N TRP A 281 -19.57 3.18 9.33
CA TRP A 281 -20.16 4.20 8.47
C TRP A 281 -21.38 3.70 7.71
N LYS A 282 -22.17 4.66 7.23
CA LYS A 282 -23.25 4.41 6.27
C LYS A 282 -22.74 4.68 4.85
N ILE A 283 -21.65 4.00 4.50
CA ILE A 283 -21.03 4.14 3.19
C ILE A 283 -21.03 2.78 2.51
N PHE A 284 -21.47 2.76 1.27
CA PHE A 284 -21.60 1.57 0.44
C PHE A 284 -20.25 1.19 -0.15
N PRO A 285 -20.03 -0.10 -0.40
CA PRO A 285 -18.70 -0.54 -0.87
C PRO A 285 -18.26 0.08 -2.18
N PHE A 286 -19.22 0.47 -3.04
CA PHE A 286 -18.86 1.07 -4.32
C PHE A 286 -18.12 2.39 -4.12
N GLN A 287 -18.51 3.17 -3.12
CA GLN A 287 -17.77 4.38 -2.80
C GLN A 287 -16.33 4.06 -2.36
N TYR A 288 -16.17 3.01 -1.56
CA TYR A 288 -14.85 2.60 -1.12
C TYR A 288 -13.97 2.24 -2.31
N TYR A 289 -14.48 1.42 -3.23
CA TYR A 289 -13.65 1.01 -4.35
C TYR A 289 -13.39 2.17 -5.30
N SER A 290 -14.34 3.09 -5.43
CA SER A 290 -14.11 4.28 -6.24
C SER A 290 -12.98 5.13 -5.65
N ALA A 291 -12.99 5.34 -4.34
CA ALA A 291 -11.93 6.11 -3.70
C ALA A 291 -10.59 5.40 -3.85
N LEU A 292 -10.57 4.08 -3.71
CA LEU A 292 -9.32 3.34 -3.85
C LEU A 292 -8.79 3.40 -5.28
N LYS A 293 -9.68 3.31 -6.28
CA LYS A 293 -9.24 3.43 -7.66
C LYS A 293 -8.70 4.83 -7.95
N MET A 294 -9.36 5.86 -7.40
CA MET A 294 -8.85 7.22 -7.55
C MET A 294 -7.46 7.36 -6.92
N GLY A 295 -7.27 6.77 -5.73
CA GLY A 295 -5.97 6.81 -5.09
C GLY A 295 -4.90 6.08 -5.88
N GLU A 296 -5.26 4.94 -6.47
CA GLU A 296 -4.33 4.22 -7.34
C GLU A 296 -3.94 5.08 -8.54
N LYS A 297 -4.93 5.74 -9.15
CA LYS A 297 -4.63 6.56 -10.33
C LYS A 297 -3.76 7.75 -9.97
N GLU A 298 -4.03 8.40 -8.83
CA GLU A 298 -3.31 9.61 -8.45
C GLU A 298 -2.04 9.36 -7.67
N GLY A 299 -1.79 8.13 -7.22
CA GLY A 299 -0.57 7.81 -6.50
C GLY A 299 -0.58 8.27 -5.05
N TRP A 300 -1.53 7.76 -4.28
CA TRP A 300 -1.62 8.09 -2.86
C TRP A 300 -0.52 7.36 -2.08
N PRO A 301 -0.20 7.85 -0.88
CA PRO A 301 0.64 7.05 0.01
C PRO A 301 -0.04 5.75 0.38
N TYR A 302 0.76 4.71 0.65
CA TYR A 302 0.21 3.38 0.79
C TYR A 302 -0.52 3.16 2.11
N TRP A 303 -0.29 4.01 3.12
CA TRP A 303 -1.01 3.86 4.38
C TRP A 303 -2.50 4.12 4.20
N ILE A 304 -2.87 5.17 3.47
CA ILE A 304 -4.27 5.44 3.21
C ILE A 304 -4.87 4.35 2.33
N MET A 305 -4.07 3.82 1.41
CA MET A 305 -4.56 2.72 0.56
C MET A 305 -4.87 1.49 1.39
N ALA A 306 -4.01 1.15 2.35
CA ALA A 306 -4.29 0.01 3.22
C ALA A 306 -5.49 0.28 4.12
N LEU A 307 -5.62 1.52 4.62
CA LEU A 307 -6.76 1.87 5.45
C LEU A 307 -8.07 1.70 4.68
N LEU A 308 -8.12 2.22 3.45
CA LEU A 308 -9.32 2.06 2.63
C LEU A 308 -9.51 0.61 2.19
N GLU A 309 -8.42 -0.16 2.07
CA GLU A 309 -8.53 -1.59 1.79
C GLU A 309 -9.28 -2.30 2.91
N GLU A 310 -8.85 -2.09 4.15
CA GLU A 310 -9.53 -2.76 5.26
C GLU A 310 -10.92 -2.17 5.49
N ALA A 311 -11.15 -0.92 5.08
CA ALA A 311 -12.50 -0.37 5.15
C ALA A 311 -13.42 -1.04 4.14
N LEU A 312 -12.95 -1.24 2.91
CA LEU A 312 -13.71 -1.98 1.91
C LEU A 312 -13.92 -3.43 2.34
N GLU A 313 -12.99 -3.97 3.12
CA GLU A 313 -13.12 -5.36 3.55
C GLU A 313 -14.32 -5.58 4.47
N SER A 314 -14.74 -4.55 5.19
CA SER A 314 -15.78 -4.68 6.20
C SER A 314 -17.05 -3.91 5.86
N SER A 315 -17.30 -3.63 4.58
CA SER A 315 -18.50 -2.90 4.16
C SER A 315 -19.64 -3.91 3.93
N ALA A 316 -20.09 -4.50 5.03
CA ALA A 316 -21.11 -5.54 4.97
C ALA A 316 -22.49 -4.93 4.76
N PRO A 317 -23.22 -5.32 3.72
CA PRO A 317 -24.60 -4.84 3.56
C PRO A 317 -25.59 -5.74 4.29
N GLU A 318 -26.46 -5.14 5.10
CA GLU A 318 -27.36 -5.91 5.94
C GLU A 318 -28.44 -6.59 5.10
N THR A 319 -28.84 -7.79 5.53
CA THR A 319 -29.86 -8.57 4.84
C THR A 319 -30.44 -9.59 5.81
N ARG A 320 -31.68 -10.00 5.54
CA ARG A 320 -32.30 -11.09 6.27
C ARG A 320 -32.26 -12.41 5.50
N LEU A 321 -31.67 -12.42 4.31
CA LEU A 321 -31.52 -13.65 3.55
C LEU A 321 -30.53 -14.57 4.26
N GLU A 322 -30.99 -15.75 4.64
CA GLU A 322 -30.19 -16.70 5.40
C GLU A 322 -30.16 -18.04 4.69
N GLY A 323 -29.04 -18.74 4.85
CA GLY A 323 -28.79 -20.00 4.18
C GLY A 323 -27.68 -19.89 3.16
N GLU A 324 -27.34 -21.04 2.58
CA GLU A 324 -26.29 -21.08 1.58
C GLU A 324 -26.76 -20.39 0.30
N THR A 325 -25.97 -19.43 -0.17
CA THR A 325 -26.34 -18.60 -1.31
C THR A 325 -25.29 -18.73 -2.40
N LEU A 326 -25.76 -18.86 -3.64
CA LEU A 326 -24.89 -18.91 -4.82
C LEU A 326 -25.13 -17.63 -5.59
N PHE A 327 -24.09 -16.81 -5.73
CA PHE A 327 -24.16 -15.54 -6.44
C PHE A 327 -23.49 -15.70 -7.80
N LEU A 328 -24.31 -15.78 -8.86
CA LEU A 328 -23.79 -15.76 -10.23
C LEU A 328 -23.69 -14.29 -10.67
N VAL A 329 -22.62 -13.66 -10.20
CA VAL A 329 -22.50 -12.21 -10.33
C VAL A 329 -21.97 -11.83 -11.71
N ASP A 330 -22.56 -10.78 -12.27
CA ASP A 330 -22.09 -10.19 -13.53
C ASP A 330 -20.80 -9.44 -13.24
N VAL A 331 -19.70 -9.88 -13.85
CA VAL A 331 -18.42 -9.18 -13.75
C VAL A 331 -17.91 -8.90 -15.16
N SER A 332 -18.81 -9.02 -16.14
CA SER A 332 -18.42 -8.92 -17.54
C SER A 332 -18.05 -7.49 -17.92
N GLY A 333 -17.18 -7.39 -18.93
CA GLY A 333 -16.72 -6.08 -19.37
C GLY A 333 -17.85 -5.18 -19.85
N SER A 334 -18.85 -5.76 -20.52
CA SER A 334 -20.00 -4.98 -20.94
C SER A 334 -20.85 -4.57 -19.74
N MET A 335 -20.90 -5.39 -18.70
CA MET A 335 -21.71 -5.06 -17.53
C MET A 335 -21.05 -3.93 -16.75
N TYR A 336 -19.75 -3.73 -16.97
CA TYR A 336 -19.05 -2.51 -16.55
C TYR A 336 -19.62 -1.32 -17.32
N TYR A 337 -20.11 -0.31 -16.60
CA TYR A 337 -20.50 0.97 -17.16
C TYR A 337 -20.46 2.07 -16.12
N PRO A 338 -19.67 3.13 -16.34
CA PRO A 338 -19.34 4.05 -15.25
C PRO A 338 -20.57 4.56 -14.51
N VAL A 339 -20.47 4.57 -13.16
CA VAL A 339 -21.59 4.94 -12.32
C VAL A 339 -22.01 6.39 -12.58
N SER A 340 -21.03 7.28 -12.65
CA SER A 340 -21.30 8.69 -12.90
C SER A 340 -20.06 9.31 -13.54
N ARG A 341 -20.18 10.58 -13.94
CA ARG A 341 -19.08 11.26 -14.60
C ARG A 341 -17.89 11.45 -13.65
N ASN A 342 -18.16 11.95 -12.44
CA ASN A 342 -17.08 12.21 -11.50
C ASN A 342 -16.52 10.91 -10.93
N SER A 343 -17.40 9.96 -10.60
CA SER A 343 -16.95 8.71 -9.99
C SER A 343 -16.28 7.83 -11.04
N ASN A 344 -14.99 7.55 -10.85
CA ASN A 344 -14.31 6.60 -11.71
C ASN A 344 -14.75 5.17 -11.47
N LEU A 345 -15.56 4.93 -10.45
CA LEU A 345 -16.10 3.59 -10.23
C LEU A 345 -16.94 3.14 -11.41
N HIS A 346 -16.73 1.88 -11.79
CA HIS A 346 -17.23 1.36 -13.04
C HIS A 346 -18.22 0.24 -12.66
N MET A 347 -19.33 0.12 -13.39
CA MET A 347 -20.55 -0.48 -12.82
C MET A 347 -20.30 -1.89 -12.29
N ALA A 348 -19.61 -2.73 -13.08
CA ALA A 348 -19.42 -4.11 -12.67
C ALA A 348 -18.54 -4.20 -11.42
N GLU A 349 -17.63 -3.25 -11.22
CA GLU A 349 -16.88 -3.27 -9.95
C GLU A 349 -17.82 -3.13 -8.76
N ALA A 350 -18.80 -2.22 -8.85
CA ALA A 350 -19.79 -2.10 -7.79
C ALA A 350 -20.57 -3.38 -7.59
N ALA A 351 -21.06 -3.96 -8.69
CA ALA A 351 -21.84 -5.19 -8.58
C ALA A 351 -21.01 -6.31 -7.95
N SER A 352 -19.75 -6.43 -8.39
CA SER A 352 -18.89 -7.50 -7.91
C SER A 352 -18.54 -7.33 -6.45
N VAL A 353 -18.26 -6.10 -6.00
CA VAL A 353 -17.91 -5.95 -4.59
C VAL A 353 -19.14 -6.21 -3.73
N LEU A 354 -20.32 -5.77 -4.20
CA LEU A 354 -21.55 -6.10 -3.48
C LEU A 354 -21.70 -7.61 -3.32
N ALA A 355 -21.60 -8.35 -4.43
CA ALA A 355 -21.79 -9.80 -4.36
C ALA A 355 -20.68 -10.47 -3.55
N THR A 356 -19.46 -9.92 -3.60
CA THR A 356 -18.34 -10.53 -2.90
C THR A 356 -18.46 -10.34 -1.39
N VAL A 357 -18.84 -9.14 -0.95
CA VAL A 357 -19.09 -8.96 0.48
C VAL A 357 -20.28 -9.80 0.91
N LEU A 358 -21.29 -9.95 0.04
CA LEU A 358 -22.43 -10.80 0.37
C LEU A 358 -22.01 -12.26 0.56
N VAL A 359 -21.15 -12.78 -0.33
CA VAL A 359 -20.73 -14.17 -0.23
C VAL A 359 -19.81 -14.35 0.97
N LYS A 360 -19.02 -13.32 1.31
CA LYS A 360 -18.19 -13.39 2.51
C LYS A 360 -19.06 -13.44 3.76
N ARG A 361 -20.14 -12.65 3.79
CA ARG A 361 -20.99 -12.60 4.97
C ARG A 361 -21.83 -13.87 5.12
N LEU A 362 -22.45 -14.33 4.04
CA LEU A 362 -23.41 -15.42 4.10
C LEU A 362 -22.85 -16.76 3.65
N GLY A 363 -21.54 -16.85 3.40
CA GLY A 363 -21.01 -18.07 2.82
C GLY A 363 -21.54 -18.26 1.41
N GLY A 364 -21.73 -19.51 1.03
CA GLY A 364 -22.18 -19.79 -0.33
C GLY A 364 -21.03 -19.79 -1.31
N GLU A 365 -21.36 -19.61 -2.59
CA GLU A 365 -20.39 -19.67 -3.66
C GLU A 365 -20.51 -18.43 -4.55
N LEU A 366 -19.40 -17.72 -4.71
CA LEU A 366 -19.35 -16.50 -5.53
C LEU A 366 -18.85 -16.84 -6.93
N TRP A 367 -19.78 -17.27 -7.77
CA TRP A 367 -19.42 -17.56 -9.15
C TRP A 367 -19.52 -16.29 -9.99
N THR A 368 -18.37 -15.79 -10.42
CA THR A 368 -18.30 -14.65 -11.33
C THR A 368 -18.48 -15.16 -12.75
N PHE A 369 -19.39 -14.55 -13.51
CA PHE A 369 -19.58 -14.98 -14.88
C PHE A 369 -19.48 -13.78 -15.82
N ALA A 370 -18.59 -13.89 -16.80
CA ALA A 370 -18.67 -13.09 -18.02
C ALA A 370 -18.90 -14.00 -19.21
N ASP A 371 -18.00 -14.97 -19.45
CA ASP A 371 -18.20 -15.99 -20.46
C ASP A 371 -18.03 -17.35 -19.80
N GLU A 372 -17.27 -17.38 -18.71
CA GLU A 372 -17.00 -18.59 -17.95
C GLU A 372 -17.41 -18.38 -16.50
N ALA A 373 -17.96 -19.43 -15.89
CA ALA A 373 -18.40 -19.37 -14.50
C ALA A 373 -17.21 -19.69 -13.60
N GLN A 374 -16.48 -18.65 -13.20
CA GLN A 374 -15.33 -18.80 -12.32
C GLN A 374 -15.80 -18.92 -10.88
N ASP A 375 -15.39 -20.00 -10.22
CA ASP A 375 -15.77 -20.28 -8.84
C ASP A 375 -14.68 -19.75 -7.92
N TYR A 376 -15.05 -18.83 -7.03
CA TYR A 376 -14.10 -18.19 -6.14
C TYR A 376 -14.32 -18.56 -4.67
N THR A 377 -15.05 -19.66 -4.41
CA THR A 377 -15.20 -20.11 -3.04
C THR A 377 -13.88 -20.64 -2.47
N GLY A 378 -12.96 -21.08 -3.33
CA GLY A 378 -11.64 -21.47 -2.88
C GLY A 378 -10.66 -20.32 -2.71
N HIS A 379 -11.05 -19.13 -3.15
CA HIS A 379 -10.24 -17.93 -2.97
C HIS A 379 -10.75 -17.05 -1.82
N THR A 380 -11.72 -17.54 -1.04
CA THR A 380 -12.26 -16.76 0.06
C THR A 380 -11.24 -16.53 1.17
N HIS A 381 -10.14 -17.28 1.18
CA HIS A 381 -9.06 -17.02 2.13
C HIS A 381 -8.45 -15.63 1.92
N LEU A 382 -8.58 -15.08 0.72
CA LEU A 382 -8.05 -13.76 0.42
C LEU A 382 -8.84 -12.67 1.14
N SER A 383 -8.22 -11.49 1.25
CA SER A 383 -8.93 -10.33 1.76
C SER A 383 -9.95 -9.85 0.73
N THR A 384 -10.92 -9.06 1.20
CA THR A 384 -11.98 -8.60 0.32
C THR A 384 -11.45 -7.69 -0.78
N TYR A 385 -10.55 -6.76 -0.43
CA TYR A 385 -9.95 -5.91 -1.45
C TYR A 385 -9.12 -6.72 -2.44
N SER A 386 -8.33 -7.67 -1.95
CA SER A 386 -7.58 -8.52 -2.86
C SER A 386 -8.51 -9.32 -3.75
N LEU A 387 -9.63 -9.78 -3.18
CA LEU A 387 -10.61 -10.54 -3.95
C LEU A 387 -11.22 -9.69 -5.07
N VAL A 388 -11.63 -8.45 -4.74
CA VAL A 388 -12.26 -7.61 -5.75
C VAL A 388 -11.25 -7.14 -6.79
N ARG A 389 -9.99 -6.96 -6.38
CA ARG A 389 -8.96 -6.61 -7.35
C ARG A 389 -8.67 -7.79 -8.28
N LYS A 390 -8.68 -9.01 -7.74
CA LYS A 390 -8.55 -10.20 -8.57
C LYS A 390 -9.74 -10.32 -9.52
N ILE A 391 -10.92 -9.91 -9.07
CA ILE A 391 -12.11 -9.97 -9.91
C ILE A 391 -12.02 -8.95 -11.04
N VAL A 392 -11.55 -7.73 -10.73
CA VAL A 392 -11.42 -6.70 -11.76
C VAL A 392 -10.28 -7.04 -12.71
N ARG A 393 -9.34 -7.88 -12.25
CA ARG A 393 -8.24 -8.30 -13.12
C ARG A 393 -8.62 -9.51 -13.97
N GLU A 394 -9.39 -10.44 -13.40
CA GLU A 394 -9.68 -11.71 -14.05
C GLU A 394 -11.12 -11.82 -14.54
N GLY A 395 -11.92 -10.76 -14.42
CA GLY A 395 -13.30 -10.83 -14.86
C GLY A 395 -13.69 -9.74 -15.83
N ARG A 396 -13.96 -10.13 -17.08
CA ARG A 396 -14.36 -9.24 -18.16
C ARG A 396 -14.74 -10.06 -19.38
N GLY A 397 -15.50 -9.48 -20.30
CA GLY A 397 -15.86 -10.14 -21.52
C GLY A 397 -17.34 -9.95 -21.84
N GLY A 398 -17.89 -10.91 -22.57
CA GLY A 398 -19.28 -10.87 -22.97
C GLY A 398 -20.21 -11.29 -21.85
N THR A 399 -21.47 -11.54 -22.22
CA THR A 399 -22.52 -11.88 -21.25
C THR A 399 -23.21 -13.17 -21.69
N TYR A 400 -22.97 -14.25 -20.95
CA TYR A 400 -23.62 -15.55 -21.20
C TYR A 400 -24.17 -16.06 -19.87
N LEU A 401 -25.40 -15.64 -19.56
CA LEU A 401 -26.01 -16.00 -18.28
C LEU A 401 -26.35 -17.49 -18.22
N GLU A 402 -26.95 -18.02 -19.27
CA GLU A 402 -27.50 -19.38 -19.22
C GLU A 402 -26.41 -20.41 -18.99
N ARG A 403 -25.26 -20.26 -19.66
CA ARG A 403 -24.16 -21.18 -19.45
C ARG A 403 -23.70 -21.14 -17.99
N ALA A 404 -23.70 -19.96 -17.39
CA ALA A 404 -23.35 -19.84 -15.98
C ALA A 404 -24.35 -20.57 -15.10
N ILE A 405 -25.64 -20.45 -15.40
CA ILE A 405 -26.65 -21.19 -14.63
C ILE A 405 -26.41 -22.69 -14.74
N ARG A 406 -26.17 -23.17 -15.96
CA ARG A 406 -25.96 -24.62 -16.14
C ARG A 406 -24.71 -25.09 -15.41
N LYS A 407 -23.63 -24.30 -15.47
CA LYS A 407 -22.39 -24.72 -14.84
C LYS A 407 -22.52 -24.72 -13.31
N ALA A 408 -23.09 -23.67 -12.74
CA ALA A 408 -23.06 -23.50 -11.29
C ALA A 408 -24.24 -24.14 -10.57
N ILE A 409 -25.34 -24.41 -11.26
CA ILE A 409 -26.55 -24.87 -10.59
C ILE A 409 -27.03 -26.20 -11.13
N LEU A 410 -27.23 -26.29 -12.45
CA LEU A 410 -27.87 -27.47 -13.03
C LEU A 410 -26.93 -28.65 -13.09
N ASP A 411 -25.81 -28.52 -13.79
CA ASP A 411 -24.90 -29.65 -14.00
C ASP A 411 -24.32 -30.14 -12.68
N ARG A 412 -23.91 -29.22 -11.81
CA ARG A 412 -23.35 -29.61 -10.52
C ARG A 412 -24.40 -29.93 -9.47
N SER A 413 -25.68 -29.71 -9.78
CA SER A 413 -26.79 -29.96 -8.85
C SER A 413 -26.55 -29.21 -7.53
N TRP A 414 -26.50 -27.89 -7.64
CA TRP A 414 -26.24 -27.04 -6.49
C TRP A 414 -27.27 -27.28 -5.39
N THR A 415 -26.79 -27.47 -4.16
CA THR A 415 -27.63 -27.88 -3.05
C THR A 415 -28.27 -26.70 -2.31
N GLY A 416 -28.04 -25.47 -2.76
CA GLY A 416 -28.56 -24.31 -2.07
C GLY A 416 -30.03 -24.05 -2.34
N ARG A 417 -30.54 -23.00 -1.69
CA ARG A 417 -31.92 -22.57 -1.85
C ARG A 417 -32.07 -21.25 -2.58
N ARG A 418 -31.04 -20.40 -2.57
CA ARG A 418 -31.14 -19.05 -3.09
C ARG A 418 -30.08 -18.81 -4.15
N VAL A 419 -30.47 -18.19 -5.26
CA VAL A 419 -29.55 -17.84 -6.33
C VAL A 419 -29.71 -16.36 -6.64
N VAL A 420 -28.86 -15.54 -6.04
CA VAL A 420 -28.94 -14.09 -6.24
C VAL A 420 -28.15 -13.74 -7.50
N ILE A 421 -28.85 -13.24 -8.52
CA ILE A 421 -28.25 -12.87 -9.79
C ILE A 421 -28.46 -11.39 -10.02
N ILE A 422 -27.36 -10.65 -10.20
CA ILE A 422 -27.41 -9.23 -10.52
C ILE A 422 -26.91 -9.07 -11.95
N THR A 423 -27.78 -8.59 -12.83
CA THR A 423 -27.49 -8.58 -14.26
C THR A 423 -28.14 -7.37 -14.91
N ASP A 424 -27.69 -7.05 -16.12
CA ASP A 424 -28.26 -5.98 -16.93
C ASP A 424 -28.82 -6.52 -18.24
N GLU A 425 -29.16 -7.80 -18.28
CA GLU A 425 -29.61 -8.43 -19.50
C GLU A 425 -30.95 -7.86 -19.94
N GLN A 426 -31.13 -7.79 -21.27
CA GLN A 426 -32.38 -7.31 -21.84
C GLN A 426 -33.46 -8.38 -21.74
N THR A 427 -34.70 -7.98 -22.00
CA THR A 427 -35.82 -8.90 -21.93
C THR A 427 -35.67 -10.00 -22.97
N HIS A 428 -35.89 -11.24 -22.55
CA HIS A 428 -35.81 -12.40 -23.42
C HIS A 428 -37.17 -13.09 -23.49
N ASP A 429 -37.36 -13.86 -24.56
CA ASP A 429 -38.59 -14.62 -24.73
C ASP A 429 -38.74 -15.66 -23.63
N MET A 430 -37.64 -16.34 -23.30
CA MET A 430 -37.66 -17.55 -22.48
C MET A 430 -36.55 -17.42 -21.46
N PRO A 431 -36.64 -16.47 -20.51
CA PRO A 431 -35.45 -15.95 -19.82
C PRO A 431 -34.69 -16.95 -18.95
N TRP A 432 -35.35 -17.53 -17.94
CA TRP A 432 -34.65 -18.43 -17.01
C TRP A 432 -35.56 -19.62 -16.75
N GLU A 433 -35.40 -20.66 -17.55
CA GLU A 433 -36.22 -21.86 -17.42
C GLU A 433 -35.45 -23.05 -16.89
N ALA A 434 -34.13 -23.09 -17.09
CA ALA A 434 -33.31 -24.06 -16.36
C ALA A 434 -33.39 -23.78 -14.86
N LEU A 435 -33.36 -22.50 -14.48
CA LEU A 435 -33.54 -22.14 -13.08
C LEU A 435 -34.93 -22.53 -12.58
N LYS A 436 -35.96 -22.34 -13.41
CA LYS A 436 -37.30 -22.75 -13.02
C LYS A 436 -37.40 -24.25 -12.82
N ASP A 437 -36.78 -25.03 -13.72
CA ASP A 437 -36.75 -26.48 -13.54
C ASP A 437 -36.00 -26.86 -12.26
N TRP A 438 -34.90 -26.17 -11.97
CA TRP A 438 -34.15 -26.45 -10.76
C TRP A 438 -34.97 -26.16 -9.51
N LEU A 439 -35.68 -25.03 -9.48
CA LEU A 439 -36.50 -24.72 -8.30
C LEU A 439 -37.70 -25.66 -8.22
N ARG A 440 -38.17 -26.17 -9.36
CA ARG A 440 -39.23 -27.17 -9.32
C ARG A 440 -38.72 -28.54 -8.87
N SER A 441 -37.42 -28.80 -9.01
CA SER A 441 -36.86 -30.10 -8.64
C SER A 441 -36.84 -30.34 -7.14
N GLY A 442 -37.08 -29.32 -6.32
CA GLY A 442 -37.06 -29.47 -4.88
C GLY A 442 -38.02 -28.50 -4.23
N GLU A 443 -37.90 -28.40 -2.91
CA GLU A 443 -38.78 -27.56 -2.10
C GLU A 443 -38.03 -26.33 -1.60
N ASN A 444 -38.78 -25.24 -1.45
CA ASN A 444 -38.27 -23.99 -0.86
C ASN A 444 -37.04 -23.48 -1.59
N ARG A 445 -37.09 -23.48 -2.92
CA ARG A 445 -36.02 -22.91 -3.75
C ARG A 445 -36.58 -21.72 -4.52
N VAL A 446 -35.93 -20.56 -4.36
CA VAL A 446 -36.43 -19.29 -4.88
C VAL A 446 -35.28 -18.57 -5.58
N ALA A 447 -35.64 -17.64 -6.46
CA ALA A 447 -34.68 -16.84 -7.20
C ALA A 447 -35.05 -15.37 -7.12
N HIS A 448 -34.03 -14.51 -7.13
CA HIS A 448 -34.20 -13.05 -7.09
C HIS A 448 -33.30 -12.46 -8.17
N ILE A 449 -33.86 -12.26 -9.36
CA ILE A 449 -33.08 -11.72 -10.48
C ILE A 449 -33.18 -10.20 -10.47
N ILE A 450 -32.03 -9.54 -10.56
CA ILE A 450 -31.95 -8.09 -10.57
C ILE A 450 -31.60 -7.64 -11.98
N ASN A 451 -32.43 -6.79 -12.57
CA ASN A 451 -32.19 -6.24 -13.89
C ASN A 451 -31.82 -4.77 -13.73
N VAL A 452 -30.52 -4.51 -13.55
CA VAL A 452 -30.04 -3.19 -13.17
C VAL A 452 -30.33 -2.13 -14.22
N ALA A 453 -30.72 -2.52 -15.43
CA ALA A 453 -31.04 -1.58 -16.48
C ALA A 453 -32.51 -1.14 -16.47
N GLY A 454 -33.29 -1.60 -15.51
CA GLY A 454 -34.69 -1.22 -15.44
C GLY A 454 -35.58 -1.95 -16.43
N TYR A 455 -35.16 -3.12 -16.92
CA TYR A 455 -35.94 -3.82 -17.93
C TYR A 455 -37.06 -4.66 -17.33
N LEU A 456 -37.15 -4.72 -16.01
CA LEU A 456 -38.23 -5.37 -15.30
C LEU A 456 -38.69 -4.45 -14.16
N PRO A 457 -39.91 -4.64 -13.67
CA PRO A 457 -40.35 -3.87 -12.50
C PRO A 457 -39.96 -4.54 -11.20
N THR A 458 -40.32 -3.94 -10.07
CA THR A 458 -40.22 -4.63 -8.79
C THR A 458 -41.39 -5.59 -8.72
N ALA A 459 -41.25 -6.74 -9.38
CA ALA A 459 -42.35 -7.65 -9.62
C ALA A 459 -42.26 -8.83 -8.67
N PHE A 460 -43.38 -9.13 -8.03
CA PHE A 460 -43.42 -10.18 -7.04
C PHE A 460 -43.32 -11.55 -7.71
N PRO A 461 -42.75 -12.54 -7.02
CA PRO A 461 -42.29 -13.76 -7.72
C PRO A 461 -43.38 -14.47 -8.49
N GLU A 462 -43.14 -14.66 -9.78
CA GLU A 462 -43.91 -15.56 -10.62
C GLU A 462 -43.03 -16.76 -10.96
N ASP A 463 -43.58 -17.96 -10.79
CA ASP A 463 -42.80 -19.20 -10.88
C ASP A 463 -41.62 -19.17 -9.92
N ARG A 464 -41.84 -18.61 -8.74
CA ARG A 464 -40.83 -18.52 -7.67
C ARG A 464 -39.60 -17.73 -8.11
N ILE A 465 -39.79 -16.71 -8.93
CA ILE A 465 -38.70 -15.84 -9.37
C ILE A 465 -39.14 -14.39 -9.19
N ALA A 466 -38.58 -13.72 -8.20
CA ALA A 466 -38.81 -12.29 -7.99
C ALA A 466 -37.82 -11.48 -8.81
N LYS A 467 -38.23 -10.26 -9.17
CA LYS A 467 -37.42 -9.40 -10.02
C LYS A 467 -37.31 -8.01 -9.40
N VAL A 468 -36.08 -7.55 -9.21
CA VAL A 468 -35.86 -6.20 -8.71
C VAL A 468 -36.06 -5.18 -9.82
N GLY A 469 -35.42 -5.41 -10.96
CA GLY A 469 -35.61 -4.55 -12.12
C GLY A 469 -34.99 -3.17 -12.04
N GLY A 470 -33.81 -3.04 -11.46
CA GLY A 470 -33.09 -1.78 -11.50
C GLY A 470 -31.90 -1.84 -10.59
N TRP A 471 -31.02 -0.84 -10.70
CA TRP A 471 -29.84 -0.78 -9.85
C TRP A 471 -29.97 0.34 -8.83
N SER A 472 -29.98 -0.03 -7.56
CA SER A 472 -30.03 0.93 -6.47
C SER A 472 -29.01 0.53 -5.43
N ASP A 473 -28.63 1.49 -4.59
CA ASP A 473 -27.73 1.19 -3.48
C ASP A 473 -28.36 0.27 -2.46
N LYS A 474 -29.68 0.11 -2.49
CA LYS A 474 -30.42 -0.74 -1.56
C LYS A 474 -31.13 -1.88 -2.27
N ILE A 475 -30.48 -2.47 -3.28
CA ILE A 475 -31.06 -3.60 -4.01
C ILE A 475 -31.33 -4.77 -3.07
N ILE A 476 -30.49 -4.93 -2.04
CA ILE A 476 -30.62 -6.07 -1.14
C ILE A 476 -31.96 -6.05 -0.42
N THR A 477 -32.38 -4.88 0.07
CA THR A 477 -33.67 -4.80 0.74
C THR A 477 -34.82 -5.01 -0.24
N LEU A 478 -34.60 -4.66 -1.52
CA LEU A 478 -35.62 -4.95 -2.52
C LEU A 478 -35.78 -6.46 -2.72
N ILE A 479 -34.65 -7.19 -2.77
CA ILE A 479 -34.71 -8.65 -2.79
C ILE A 479 -35.43 -9.17 -1.54
N GLU A 480 -35.10 -8.58 -0.39
CA GLU A 480 -35.66 -9.00 0.89
C GLU A 480 -37.18 -8.89 0.89
N SER A 481 -37.71 -7.78 0.38
CA SER A 481 -39.17 -7.61 0.38
C SER A 481 -39.82 -8.27 -0.83
N LEU A 482 -39.04 -8.64 -1.85
CA LEU A 482 -39.59 -9.36 -2.98
C LEU A 482 -39.75 -10.85 -2.68
N GLU A 483 -38.88 -11.40 -1.83
CA GLU A 483 -38.90 -12.85 -1.59
C GLU A 483 -40.24 -13.34 -1.06
N VAL A 484 -41.00 -12.47 -0.39
CA VAL A 484 -42.22 -12.91 0.28
C VAL A 484 -43.26 -13.35 -0.75
N GLY A 485 -43.50 -12.54 -1.76
CA GLY A 485 -44.53 -12.85 -2.75
C GLY A 485 -45.71 -11.92 -2.65
N GLU A 486 -46.53 -11.92 -3.71
CA GLU A 486 -47.67 -11.01 -3.79
C GLU A 486 -48.78 -11.38 -2.83
N GLU A 487 -48.87 -12.66 -2.46
CA GLU A 487 -49.95 -13.10 -1.57
C GLU A 487 -49.80 -12.53 -0.18
N GLY A 488 -48.58 -12.57 0.38
CA GLY A 488 -48.33 -12.13 1.73
C GLY A 488 -47.60 -10.82 1.88
N ILE A 489 -47.54 -10.00 0.84
CA ILE A 489 -46.80 -8.73 0.93
C ILE A 489 -47.49 -7.76 1.87
N ARG A 490 -48.82 -7.76 1.89
CA ARG A 490 -49.56 -6.79 2.72
C ARG A 490 -49.24 -6.99 4.19
N ASN A 491 -49.28 -8.24 4.66
CA ASN A 491 -48.98 -8.53 6.05
C ASN A 491 -47.54 -8.18 6.39
N PHE A 492 -46.61 -8.54 5.52
CA PHE A 492 -45.20 -8.23 5.75
C PHE A 492 -44.97 -6.72 5.83
N LEU A 493 -45.61 -5.96 4.94
CA LEU A 493 -45.46 -4.51 4.94
C LEU A 493 -46.04 -3.90 6.21
N VAL A 494 -47.26 -4.32 6.60
CA VAL A 494 -47.86 -3.71 7.78
C VAL A 494 -47.10 -4.11 9.04
N SER A 495 -46.46 -5.29 9.03
CA SER A 495 -45.69 -5.71 10.20
C SER A 495 -44.34 -5.01 10.28
N ASN A 496 -43.72 -4.70 9.14
CA ASN A 496 -42.36 -4.19 9.15
C ASN A 496 -42.24 -2.69 8.98
N TYR A 497 -42.93 -2.10 7.99
CA TYR A 497 -42.70 -0.71 7.61
C TYR A 497 -43.85 0.20 8.01
N LEU A 498 -44.58 -0.16 9.05
CA LEU A 498 -45.68 0.69 9.51
C LEU A 498 -45.12 1.95 10.14
N PRO A 499 -45.46 3.14 9.64
CA PRO A 499 -44.95 4.37 10.23
C PRO A 499 -45.50 4.58 11.63
N PRO A 500 -44.70 5.14 12.54
CA PRO A 500 -45.10 5.41 13.93
C PRO A 500 -46.22 6.45 14.02
N SER B 33 54.61 8.18 0.40
CA SER B 33 54.55 7.50 1.69
C SER B 33 54.09 6.05 1.54
N PRO B 34 54.87 5.11 2.06
CA PRO B 34 54.50 3.70 1.92
C PRO B 34 53.18 3.34 2.60
N HIS B 35 52.84 4.02 3.69
CA HIS B 35 51.62 3.69 4.43
C HIS B 35 50.39 3.86 3.55
N GLY B 36 50.31 4.98 2.84
CA GLY B 36 49.16 5.22 1.98
C GLY B 36 49.08 4.24 0.83
N GLU B 37 50.24 3.88 0.26
CA GLU B 37 50.25 2.86 -0.77
C GLU B 37 49.72 1.53 -0.24
N LEU B 38 50.13 1.16 0.98
CA LEU B 38 49.61 -0.04 1.60
C LEU B 38 48.09 0.01 1.72
N PHE B 39 47.56 1.14 2.21
CA PHE B 39 46.11 1.25 2.38
C PHE B 39 45.38 1.16 1.05
N THR B 40 45.84 1.89 0.03
CA THR B 40 45.11 1.90 -1.23
C THR B 40 45.20 0.55 -1.92
N LEU B 41 46.29 -0.18 -1.71
CA LEU B 41 46.39 -1.53 -2.23
C LEU B 41 45.42 -2.47 -1.51
N VAL B 42 45.35 -2.36 -0.19
CA VAL B 42 44.57 -3.32 0.59
C VAL B 42 43.07 -3.11 0.39
N ALA B 43 42.61 -1.87 0.44
CA ALA B 43 41.17 -1.62 0.63
C ALA B 43 40.34 -1.69 -0.65
N SER B 44 40.90 -2.19 -1.76
CA SER B 44 40.20 -2.07 -3.04
C SER B 44 39.32 -3.28 -3.38
N SER B 45 39.35 -4.34 -2.59
CA SER B 45 38.68 -5.57 -3.00
C SER B 45 37.24 -5.69 -2.50
N LEU B 46 36.68 -4.63 -1.91
CA LEU B 46 35.22 -4.58 -1.80
C LEU B 46 34.56 -4.58 -3.16
N PHE B 47 35.13 -3.83 -4.11
CA PHE B 47 34.61 -3.71 -5.46
C PHE B 47 35.48 -4.37 -6.51
N LEU B 48 36.75 -4.60 -6.23
CA LEU B 48 37.64 -5.24 -7.20
C LEU B 48 37.80 -6.74 -6.99
N GLY B 49 37.09 -7.32 -6.03
CA GLY B 49 37.16 -8.75 -5.81
C GLY B 49 37.05 -9.16 -4.35
N GLY B 57 51.61 -14.94 -11.02
CA GLY B 57 52.30 -13.79 -10.44
C GLY B 57 51.45 -12.52 -10.46
N GLY B 58 51.94 -11.50 -11.17
CA GLY B 58 51.21 -10.24 -11.26
C GLY B 58 52.05 -9.10 -10.71
N GLU B 59 52.08 -8.01 -11.47
CA GLU B 59 52.82 -6.82 -11.04
C GLU B 59 52.22 -6.23 -9.76
N ARG B 60 50.90 -6.14 -9.70
CA ARG B 60 50.25 -5.69 -8.47
C ARG B 60 50.56 -6.64 -7.31
N VAL B 61 50.60 -7.94 -7.59
CA VAL B 61 50.95 -8.92 -6.57
C VAL B 61 52.36 -8.68 -6.06
N GLU B 62 53.30 -8.42 -6.98
CA GLU B 62 54.68 -8.16 -6.58
C GLU B 62 54.79 -6.89 -5.73
N ARG B 63 54.08 -5.83 -6.13
CA ARG B 63 54.04 -4.63 -5.30
C ARG B 63 53.46 -4.92 -3.93
N PHE B 64 52.42 -5.76 -3.87
CA PHE B 64 51.86 -6.17 -2.60
C PHE B 64 52.89 -6.85 -1.73
N ILE B 65 53.65 -7.79 -2.31
CA ILE B 65 54.67 -8.50 -1.54
C ILE B 65 55.70 -7.52 -0.99
N ASN B 66 56.24 -6.66 -1.87
CA ASN B 66 57.31 -5.76 -1.44
C ASN B 66 56.82 -4.78 -0.37
N LEU B 67 55.67 -4.14 -0.60
CA LEU B 67 55.15 -3.18 0.37
C LEU B 67 54.79 -3.85 1.69
N ALA B 68 54.15 -5.03 1.63
CA ALA B 68 53.79 -5.72 2.85
C ALA B 68 55.02 -6.09 3.66
N THR B 69 56.06 -6.60 3.00
CA THR B 69 57.28 -6.94 3.72
C THR B 69 57.93 -5.69 4.34
N THR B 70 58.02 -4.62 3.56
CA THR B 70 58.69 -3.41 4.05
C THR B 70 57.95 -2.81 5.24
N LEU B 71 56.63 -2.71 5.17
CA LEU B 71 55.89 -2.13 6.28
C LEU B 71 55.61 -3.12 7.41
N SER B 72 55.82 -4.42 7.20
CA SER B 72 55.81 -5.33 8.34
C SER B 72 57.12 -5.24 9.10
N LYS B 73 58.22 -5.00 8.39
CA LYS B 73 59.49 -4.76 9.06
C LYS B 73 59.48 -3.42 9.78
N GLU B 74 59.03 -2.36 9.09
CA GLU B 74 59.18 -1.02 9.64
C GLU B 74 58.08 -0.69 10.64
N ASP B 75 56.82 -0.66 10.21
CA ASP B 75 55.70 -0.26 11.05
C ASP B 75 54.59 -1.29 10.95
N PRO B 76 54.77 -2.46 11.55
CA PRO B 76 53.69 -3.46 11.55
C PRO B 76 52.48 -3.04 12.36
N GLU B 77 52.60 -2.03 13.23
CA GLU B 77 51.40 -1.47 13.87
C GLU B 77 50.46 -0.89 12.83
N TYR B 78 51.01 -0.26 11.78
CA TYR B 78 50.16 0.21 10.68
C TYR B 78 49.46 -0.96 10.01
N VAL B 79 50.17 -2.06 9.79
CA VAL B 79 49.57 -3.24 9.16
C VAL B 79 48.44 -3.77 10.04
N ALA B 80 48.68 -3.86 11.34
CA ALA B 80 47.65 -4.36 12.25
C ALA B 80 46.42 -3.45 12.27
N SER B 81 46.64 -2.14 12.36
CA SER B 81 45.52 -1.20 12.38
C SER B 81 44.74 -1.23 11.07
N LEU B 82 45.45 -1.34 9.94
CA LEU B 82 44.78 -1.39 8.65
C LEU B 82 43.97 -2.67 8.50
N ALA B 83 44.57 -3.82 8.76
CA ALA B 83 43.90 -5.10 8.62
C ALA B 83 42.88 -5.35 9.72
N ASN B 84 42.86 -4.52 10.77
CA ASN B 84 41.81 -4.61 11.78
C ASN B 84 40.43 -4.40 11.15
N TYR B 85 40.29 -3.38 10.32
CA TYR B 85 39.02 -3.07 9.69
C TYR B 85 39.06 -3.18 8.17
N ALA B 86 40.16 -3.68 7.59
CA ALA B 86 40.21 -3.89 6.15
C ALA B 86 39.18 -4.93 5.72
N ARG B 87 38.90 -5.93 6.56
CA ARG B 87 37.85 -6.87 6.22
C ARG B 87 36.52 -6.43 6.82
N ASN B 88 36.56 -5.68 7.92
CA ASN B 88 35.32 -5.31 8.61
C ASN B 88 34.51 -4.31 7.80
N GLU B 89 35.07 -3.12 7.52
CA GLU B 89 34.30 -2.07 6.88
C GLU B 89 34.45 -2.09 5.36
N LEU B 90 35.68 -1.93 4.86
CA LEU B 90 35.93 -2.02 3.42
C LEU B 90 36.20 -3.48 3.08
N GLY B 91 35.16 -4.29 3.20
CA GLY B 91 35.34 -5.72 3.31
C GLY B 91 36.15 -6.31 2.17
N LEU B 92 37.01 -7.26 2.51
CA LEU B 92 37.75 -8.05 1.54
C LEU B 92 37.95 -9.44 2.11
N ARG B 93 38.37 -10.37 1.26
CA ARG B 93 38.72 -11.72 1.69
C ARG B 93 40.16 -12.09 1.39
N SER B 94 40.63 -11.82 0.17
CA SER B 94 41.99 -12.20 -0.20
C SER B 94 43.04 -11.32 0.47
N ASN B 95 42.83 -10.00 0.46
CA ASN B 95 43.77 -9.11 1.14
C ASN B 95 43.87 -9.35 2.64
N PRO B 96 42.78 -9.52 3.39
CA PRO B 96 42.93 -9.95 4.79
C PRO B 96 43.55 -11.33 4.87
N ALA B 97 44.34 -11.52 5.93
CA ALA B 97 45.15 -12.70 6.21
C ALA B 97 46.34 -12.78 5.27
N ALA B 98 46.34 -11.96 4.21
CA ALA B 98 47.55 -11.83 3.41
C ALA B 98 48.60 -11.01 4.15
N LEU B 99 48.17 -9.89 4.73
CA LEU B 99 49.05 -9.12 5.59
C LEU B 99 49.45 -9.92 6.83
N VAL B 100 48.58 -10.84 7.25
CA VAL B 100 48.93 -11.71 8.38
C VAL B 100 50.01 -12.70 7.99
N ALA B 101 49.90 -13.29 6.80
CA ALA B 101 50.95 -14.18 6.31
C ALA B 101 52.26 -13.44 6.17
N HIS B 102 52.22 -12.20 5.67
CA HIS B 102 53.43 -11.39 5.62
C HIS B 102 53.99 -11.09 7.01
N LEU B 103 53.10 -10.79 7.96
CA LEU B 103 53.52 -10.44 9.31
C LEU B 103 54.18 -11.63 10.00
N PHE B 104 53.66 -12.84 9.76
CA PHE B 104 54.27 -14.06 10.28
C PHE B 104 55.61 -14.36 9.62
N TYR B 105 55.94 -13.67 8.53
CA TYR B 105 57.20 -13.85 7.81
C TYR B 105 58.11 -12.65 8.01
N SER B 106 58.09 -12.06 9.20
CA SER B 106 58.92 -10.92 9.55
C SER B 106 59.30 -11.02 11.02
N ASN B 107 60.18 -10.12 11.46
CA ASN B 107 60.68 -10.18 12.83
C ASN B 107 59.62 -9.69 13.82
N ALA B 108 58.58 -8.99 13.33
CA ALA B 108 57.44 -8.68 14.17
C ALA B 108 56.74 -9.93 14.68
N LEU B 109 56.95 -11.08 14.03
CA LEU B 109 56.55 -12.35 14.63
C LEU B 109 57.22 -12.56 15.97
N GLU B 110 58.47 -12.11 16.11
CA GLU B 110 59.19 -12.28 17.37
C GLU B 110 58.90 -11.15 18.35
N GLU B 111 59.02 -9.89 17.93
CA GLU B 111 58.82 -8.83 18.91
C GLU B 111 57.35 -8.59 19.26
N ARG B 112 56.44 -8.73 18.29
CA ARG B 112 55.09 -8.17 18.38
C ARG B 112 54.06 -9.26 18.13
N ARG B 113 54.19 -10.36 18.89
CA ARG B 113 53.33 -11.53 18.73
C ARG B 113 51.86 -11.19 19.01
N ASP B 114 51.59 -10.36 20.02
CA ASP B 114 50.21 -9.90 20.23
C ASP B 114 49.73 -9.04 19.06
N LEU B 115 50.62 -8.26 18.47
CA LEU B 115 50.25 -7.42 17.34
C LEU B 115 49.84 -8.27 16.14
N ILE B 116 50.59 -9.33 15.86
CA ILE B 116 50.22 -10.18 14.73
C ILE B 116 48.99 -11.03 15.07
N LEU B 117 48.75 -11.27 16.37
CA LEU B 117 47.52 -11.95 16.75
C LEU B 117 46.30 -11.06 16.52
N ALA B 118 46.45 -9.75 16.71
CA ALA B 118 45.32 -8.85 16.50
C ALA B 118 44.80 -8.93 15.07
N THR B 119 45.68 -8.76 14.09
CA THR B 119 45.26 -8.86 12.70
C THR B 119 44.83 -10.28 12.36
N THR B 120 45.47 -11.28 12.98
CA THR B 120 45.03 -12.66 12.83
C THR B 120 43.55 -12.80 13.18
N LYS B 121 43.15 -12.30 14.34
CA LYS B 121 41.75 -12.37 14.75
C LYS B 121 40.85 -11.57 13.82
N LYS B 122 41.29 -10.38 13.41
CA LYS B 122 40.40 -9.50 12.65
C LYS B 122 40.19 -9.98 11.22
N VAL B 123 41.18 -10.65 10.64
CA VAL B 123 41.02 -11.14 9.27
C VAL B 123 40.28 -12.48 9.25
N TRP B 124 40.50 -13.31 10.27
CA TRP B 124 39.87 -14.63 10.33
C TRP B 124 38.52 -14.53 11.04
N GLN B 125 37.59 -13.86 10.36
CA GLN B 125 36.24 -13.72 10.89
C GLN B 125 35.42 -14.97 10.63
N ARG B 126 35.35 -15.40 9.37
CA ARG B 126 34.59 -16.60 9.02
C ARG B 126 35.39 -17.86 9.37
N GLY B 127 34.82 -19.01 9.02
CA GLY B 127 35.46 -20.28 9.31
C GLY B 127 36.28 -20.86 8.19
N ASP B 128 36.22 -20.30 6.99
CA ASP B 128 36.92 -20.84 5.83
C ASP B 128 38.12 -20.00 5.42
N ASP B 129 38.54 -19.05 6.25
CA ASP B 129 39.70 -18.23 5.93
C ASP B 129 41.02 -18.89 6.29
N HIS B 130 41.00 -20.01 7.01
CA HIS B 130 42.23 -20.77 7.15
C HIS B 130 42.66 -21.38 5.82
N LEU B 131 41.71 -21.87 5.01
CA LEU B 131 42.07 -22.25 3.65
C LEU B 131 42.57 -21.03 2.88
N GLU B 132 42.09 -19.84 3.24
CA GLU B 132 42.59 -18.63 2.58
C GLU B 132 44.07 -18.40 2.89
N THR B 133 44.46 -18.55 4.16
CA THR B 133 45.88 -18.34 4.49
C THR B 133 46.75 -19.46 3.93
N LEU B 134 46.26 -20.71 3.95
CA LEU B 134 46.97 -21.78 3.24
C LEU B 134 47.15 -21.45 1.77
N ALA B 135 46.09 -20.97 1.12
CA ALA B 135 46.16 -20.65 -0.30
C ALA B 135 47.18 -19.56 -0.58
N TYR B 136 47.19 -18.52 0.25
CA TYR B 136 48.18 -17.45 0.03
C TYR B 136 49.59 -17.99 0.23
N VAL B 137 49.82 -18.70 1.34
CA VAL B 137 51.16 -19.19 1.66
C VAL B 137 51.66 -20.11 0.55
N LYS B 138 50.76 -20.91 -0.03
CA LYS B 138 51.15 -21.77 -1.15
C LYS B 138 51.43 -20.95 -2.41
N ALA B 139 50.56 -19.98 -2.73
CA ALA B 139 50.72 -19.23 -3.97
C ALA B 139 52.00 -18.40 -3.96
N VAL B 140 52.30 -17.76 -2.83
CA VAL B 140 53.52 -16.97 -2.71
C VAL B 140 54.77 -17.85 -2.68
N GLY B 141 54.61 -19.14 -2.42
CA GLY B 141 55.73 -20.06 -2.45
C GLY B 141 56.54 -20.13 -1.17
N TRP B 142 56.09 -19.49 -0.10
CA TRP B 142 56.82 -19.52 1.17
C TRP B 142 56.77 -20.92 1.78
N LYS B 143 57.78 -21.21 2.59
CA LYS B 143 57.81 -22.41 3.42
C LYS B 143 57.04 -22.14 4.71
N LEU B 144 56.28 -23.13 5.15
CA LEU B 144 55.32 -22.95 6.23
C LEU B 144 56.05 -23.02 7.57
N ARG B 145 56.19 -21.89 8.25
CA ARG B 145 56.92 -21.81 9.49
C ARG B 145 56.14 -22.47 10.63
N SER B 146 56.83 -22.69 11.75
CA SER B 146 56.20 -23.38 12.88
C SER B 146 55.12 -22.52 13.52
N ALA B 147 55.40 -21.23 13.74
CA ALA B 147 54.38 -20.36 14.32
C ALA B 147 53.21 -20.20 13.36
N LEU B 148 53.48 -20.19 12.06
CA LEU B 148 52.40 -20.21 11.09
C LEU B 148 51.57 -21.48 11.21
N LYS B 149 52.24 -22.62 11.47
CA LYS B 149 51.51 -23.85 11.74
C LYS B 149 50.61 -23.71 12.95
N LYS B 150 51.11 -23.09 14.01
CA LYS B 150 50.30 -22.94 15.22
C LYS B 150 49.09 -22.04 14.98
N ALA B 151 49.28 -20.93 14.26
CA ALA B 151 48.16 -20.04 13.97
C ALA B 151 47.14 -20.70 13.04
N ILE B 152 47.62 -21.43 12.03
CA ILE B 152 46.72 -22.13 11.12
C ILE B 152 45.95 -23.20 11.87
N ALA B 153 46.60 -23.91 12.80
CA ALA B 153 45.90 -24.86 13.65
C ALA B 153 44.87 -24.16 14.53
N GLU B 154 45.19 -22.95 15.00
CA GLU B 154 44.22 -22.18 15.76
C GLU B 154 42.97 -21.89 14.93
N ARG B 155 43.15 -21.53 13.66
CA ARG B 155 41.99 -21.25 12.82
C ARG B 155 41.32 -22.50 12.27
N LEU B 156 41.97 -23.67 12.35
CA LEU B 156 41.41 -24.92 11.88
C LEU B 156 40.72 -25.72 12.97
N ASN B 157 41.47 -26.11 14.01
CA ASN B 157 40.95 -27.01 15.03
C ASN B 157 39.88 -26.33 15.89
N ASP B 158 40.09 -25.07 16.22
CA ASP B 158 39.22 -24.35 17.15
C ASP B 158 37.97 -23.79 16.48
N ILE B 159 37.83 -23.96 15.17
CA ILE B 159 36.66 -23.45 14.44
C ILE B 159 35.43 -24.25 14.85
N PRO B 160 34.25 -23.65 14.85
CA PRO B 160 33.03 -24.43 15.11
C PRO B 160 32.82 -25.48 14.05
N PRO B 161 32.31 -26.66 14.44
CA PRO B 161 32.13 -27.74 13.45
C PRO B 161 31.20 -27.39 12.31
N SER B 162 30.12 -26.64 12.59
CA SER B 162 29.15 -26.32 11.55
C SER B 162 29.78 -25.48 10.46
N LEU B 163 30.59 -24.48 10.83
CA LEU B 163 31.31 -23.69 9.84
C LEU B 163 32.32 -24.54 9.10
N LEU B 164 32.93 -25.52 9.79
CA LEU B 164 33.93 -26.36 9.16
C LEU B 164 33.33 -27.21 8.04
N LEU B 165 32.20 -27.87 8.31
CA LEU B 165 31.59 -28.71 7.28
C LEU B 165 30.86 -27.87 6.24
N LYS B 166 30.21 -26.78 6.64
CA LYS B 166 29.59 -25.89 5.68
C LYS B 166 30.61 -25.28 4.73
N TYR B 167 31.88 -25.23 5.14
CA TYR B 167 32.97 -24.72 4.31
C TYR B 167 34.00 -25.81 4.07
N LYS B 168 33.54 -27.03 3.83
CA LYS B 168 34.45 -28.12 3.46
C LYS B 168 35.17 -27.80 2.16
N ARG B 169 34.43 -27.31 1.15
CA ARG B 169 34.99 -26.87 -0.12
C ARG B 169 35.85 -27.96 -0.77
N ALA B 170 35.32 -29.19 -0.80
CA ALA B 170 36.04 -30.28 -1.44
C ALA B 170 36.19 -30.07 -2.94
N ARG B 171 35.37 -29.22 -3.55
CA ARG B 171 35.48 -28.96 -4.97
C ARG B 171 36.79 -28.26 -5.32
N ARG B 172 37.19 -27.27 -4.51
CA ARG B 172 38.39 -26.49 -4.80
C ARG B 172 39.64 -27.32 -4.54
N VAL B 173 40.73 -26.93 -5.20
CA VAL B 173 41.99 -27.65 -5.08
C VAL B 173 42.53 -27.54 -3.65
N VAL B 174 42.56 -26.34 -3.09
CA VAL B 174 43.04 -26.13 -1.72
C VAL B 174 41.83 -26.29 -0.82
N SER B 175 41.50 -27.54 -0.51
CA SER B 175 40.33 -27.89 0.26
C SER B 175 40.71 -28.13 1.72
N GLN B 176 39.70 -28.42 2.54
CA GLN B 176 39.97 -28.79 3.92
C GLN B 176 40.76 -30.09 4.02
N ARG B 177 40.61 -30.98 3.03
CA ARG B 177 41.41 -32.21 3.02
C ARG B 177 42.89 -31.90 2.86
N LEU B 178 43.23 -31.02 1.91
CA LEU B 178 44.63 -30.64 1.71
C LEU B 178 45.18 -29.94 2.94
N ALA B 179 44.39 -29.03 3.53
CA ALA B 179 44.83 -28.34 4.73
C ALA B 179 45.05 -29.31 5.88
N ILE B 180 44.14 -30.28 6.05
CA ILE B 180 44.25 -31.24 7.14
C ILE B 180 45.48 -32.13 6.93
N ARG B 181 45.80 -32.43 5.67
CA ARG B 181 46.97 -33.25 5.39
C ARG B 181 48.26 -32.46 5.65
N LEU B 182 48.25 -31.16 5.34
CA LEU B 182 49.46 -30.35 5.52
C LEU B 182 49.70 -30.01 6.99
N THR B 183 48.62 -29.73 7.73
CA THR B 183 48.79 -29.15 9.06
C THR B 183 49.21 -30.19 10.10
N HIS B 184 48.71 -31.40 9.98
CA HIS B 184 48.74 -32.38 11.07
C HIS B 184 48.07 -31.79 12.31
N PRO B 185 46.75 -31.64 12.30
CA PRO B 185 46.07 -31.10 13.48
C PRO B 185 46.08 -32.10 14.63
N ARG B 186 45.90 -31.56 15.84
CA ARG B 186 45.97 -32.36 17.05
C ARG B 186 44.58 -32.56 17.63
N PRO B 187 43.94 -33.71 17.44
CA PRO B 187 42.59 -33.90 18.02
C PRO B 187 42.67 -34.19 19.51
N ARG B 188 42.30 -33.21 20.34
CA ARG B 188 42.29 -33.41 21.78
C ARG B 188 41.05 -34.14 22.25
N ASP B 189 40.03 -34.26 21.41
CA ASP B 189 38.82 -35.00 21.74
C ASP B 189 38.43 -35.86 20.54
N GLU B 190 37.59 -36.86 20.80
CA GLU B 190 37.30 -37.89 19.81
C GLU B 190 36.53 -37.32 18.62
N GLU B 191 35.54 -36.47 18.89
CA GLU B 191 34.64 -36.02 17.83
C GLU B 191 35.37 -35.13 16.82
N ARG B 192 36.37 -34.37 17.28
CA ARG B 192 37.22 -33.63 16.35
C ARG B 192 37.86 -34.57 15.34
N SER B 193 38.38 -35.70 15.83
CA SER B 193 38.99 -36.68 14.93
C SER B 193 37.95 -37.30 14.01
N LEU B 194 36.71 -37.45 14.48
CA LEU B 194 35.67 -37.91 13.54
C LEU B 194 35.46 -36.94 12.39
N LEU B 195 35.34 -35.64 12.68
CA LEU B 195 35.17 -34.73 11.54
C LEU B 195 36.39 -34.75 10.64
N PHE B 196 37.59 -34.84 11.23
CA PHE B 196 38.81 -34.86 10.44
C PHE B 196 38.84 -36.08 9.50
N GLN B 197 38.50 -37.25 10.03
CA GLN B 197 38.43 -38.45 9.19
C GLN B 197 37.36 -38.31 8.11
N TYR B 198 36.21 -37.72 8.47
CA TYR B 198 35.14 -37.59 7.49
C TYR B 198 35.59 -36.75 6.31
N ILE B 199 36.20 -35.60 6.58
CA ILE B 199 36.70 -34.79 5.46
C ILE B 199 37.80 -35.52 4.70
N VAL B 200 38.74 -36.17 5.42
CA VAL B 200 39.90 -36.71 4.73
C VAL B 200 39.55 -37.93 3.90
N LYS B 201 38.42 -38.59 4.19
CA LYS B 201 38.08 -39.82 3.50
C LYS B 201 36.76 -39.78 2.73
N GLY B 202 36.02 -38.68 2.78
CA GLY B 202 34.80 -38.63 1.99
C GLY B 202 33.78 -39.63 2.50
N SER B 203 33.02 -40.21 1.56
CA SER B 203 32.05 -41.24 1.91
C SER B 203 32.71 -42.55 2.31
N ARG B 204 34.02 -42.69 2.09
CA ARG B 204 34.74 -43.91 2.43
C ARG B 204 35.18 -43.96 3.88
N ALA B 205 34.88 -42.93 4.66
CA ALA B 205 35.29 -42.87 6.06
C ALA B 205 34.48 -43.87 6.90
N SER B 206 34.76 -43.88 8.20
CA SER B 206 34.02 -44.74 9.11
C SER B 206 32.56 -44.33 9.17
N GLU B 207 31.69 -45.31 9.41
CA GLU B 207 30.26 -45.03 9.42
C GLU B 207 29.86 -44.10 10.55
N GLU B 208 30.58 -44.15 11.67
CA GLU B 208 30.30 -43.23 12.77
C GLU B 208 30.59 -41.78 12.37
N ALA B 209 31.68 -41.57 11.62
CA ALA B 209 31.99 -40.22 11.14
C ALA B 209 30.94 -39.73 10.16
N LYS B 210 30.47 -40.60 9.26
CA LYS B 210 29.42 -40.22 8.33
C LYS B 210 28.13 -39.88 9.08
N LYS B 211 27.82 -40.67 10.11
CA LYS B 211 26.65 -40.38 10.93
C LYS B 211 26.78 -39.04 11.63
N LEU B 212 27.97 -38.75 12.18
CA LEU B 212 28.23 -37.47 12.82
C LEU B 212 28.04 -36.33 11.85
N ALA B 213 28.56 -36.49 10.63
CA ALA B 213 28.33 -35.49 9.59
C ALA B 213 26.84 -35.31 9.32
N GLU B 214 26.07 -36.40 9.41
CA GLU B 214 24.64 -36.31 9.10
C GLU B 214 23.82 -35.67 10.23
N GLU B 215 24.16 -35.90 11.51
CA GLU B 215 23.35 -35.29 12.57
C GLU B 215 23.57 -33.78 12.63
N VAL B 216 24.82 -33.35 12.76
CA VAL B 216 25.10 -31.92 12.96
C VAL B 216 24.68 -31.10 11.75
N MET B 217 24.67 -31.68 10.55
CA MET B 217 24.10 -31.00 9.40
C MET B 217 22.58 -30.94 9.45
N GLU B 218 21.95 -31.76 10.30
CA GLU B 218 20.51 -31.77 10.46
C GLU B 218 20.06 -31.28 11.83
N GLU B 219 20.96 -30.72 12.64
CA GLU B 219 20.59 -30.03 13.87
C GLU B 219 20.98 -28.57 13.78
N ARG B 220 20.20 -27.72 14.45
CA ARG B 220 20.36 -26.28 14.43
C ARG B 220 20.53 -25.75 13.00
N PRO B 221 19.60 -26.05 12.10
CA PRO B 221 19.81 -25.76 10.69
C PRO B 221 19.27 -24.40 10.29
N THR B 222 19.89 -23.84 9.25
CA THR B 222 19.42 -22.60 8.66
C THR B 222 18.15 -22.86 7.84
N TRP B 223 17.54 -21.78 7.35
CA TRP B 223 16.29 -21.92 6.61
C TRP B 223 16.47 -22.80 5.38
N GLU B 224 17.61 -22.67 4.70
CA GLU B 224 17.87 -23.51 3.53
C GLU B 224 17.90 -24.98 3.91
N ARG B 225 18.55 -25.31 5.04
CA ARG B 225 18.66 -26.71 5.45
C ARG B 225 17.31 -27.27 5.89
N ILE B 226 16.52 -26.48 6.62
CA ILE B 226 15.18 -26.92 7.01
C ILE B 226 14.33 -27.17 5.78
N ILE B 227 14.40 -26.27 4.80
CA ILE B 227 13.59 -26.42 3.59
C ILE B 227 14.03 -27.64 2.80
N SER B 228 15.35 -27.88 2.71
CA SER B 228 15.82 -29.06 1.99
C SER B 228 15.43 -30.35 2.70
N SER B 229 15.51 -30.38 4.03
CA SER B 229 15.21 -31.60 4.77
C SER B 229 13.72 -31.91 4.77
N LYS B 230 12.89 -30.89 5.03
CA LYS B 230 11.45 -31.09 5.19
C LYS B 230 10.66 -30.86 3.90
N GLY B 231 11.33 -30.50 2.80
CA GLY B 231 10.66 -30.27 1.54
C GLY B 231 10.08 -28.86 1.44
N SER B 232 9.53 -28.58 0.26
CA SER B 232 8.94 -27.28 -0.04
C SER B 232 7.41 -27.43 0.03
N THR B 233 6.87 -27.32 1.22
CA THR B 233 5.44 -27.36 1.50
C THR B 233 5.10 -26.11 2.31
N PRO B 234 3.83 -25.69 2.31
CA PRO B 234 3.48 -24.50 3.09
C PRO B 234 3.89 -24.57 4.55
N GLU B 235 3.76 -25.74 5.17
CA GLU B 235 4.09 -25.89 6.60
C GLU B 235 5.56 -25.58 6.87
N THR B 236 6.46 -26.06 6.00
CA THR B 236 7.87 -25.79 6.20
C THR B 236 8.15 -24.29 6.12
N TRP B 237 7.43 -23.57 5.27
CA TRP B 237 7.65 -22.13 5.18
C TRP B 237 7.04 -21.40 6.38
N LEU B 238 5.90 -21.88 6.90
CA LEU B 238 5.37 -21.31 8.13
C LEU B 238 6.38 -21.45 9.26
N GLU B 239 7.01 -22.62 9.36
CA GLU B 239 8.01 -22.82 10.40
C GLU B 239 9.34 -22.16 10.09
N ALA B 240 9.59 -21.84 8.81
CA ALA B 240 10.79 -21.09 8.47
C ALA B 240 10.63 -19.61 8.80
N LEU B 241 9.37 -19.14 8.84
CA LEU B 241 9.11 -17.74 9.19
C LEU B 241 9.75 -17.32 10.52
N PRO B 242 9.59 -18.06 11.63
CA PRO B 242 10.29 -17.64 12.86
C PRO B 242 11.81 -17.61 12.72
N HIS B 243 12.38 -18.53 11.95
CA HIS B 243 13.82 -18.54 11.73
C HIS B 243 14.25 -17.58 10.63
N LEU B 244 13.30 -16.94 9.94
CA LEU B 244 13.61 -15.97 8.90
C LEU B 244 13.66 -14.59 9.54
N ASN B 245 14.87 -14.10 9.81
CA ASN B 245 15.05 -12.82 10.46
C ASN B 245 16.04 -11.98 9.67
N GLY B 246 15.64 -10.75 9.38
CA GLY B 246 16.56 -9.84 8.71
C GLY B 246 16.58 -10.04 7.21
N LEU B 247 17.80 -10.02 6.65
CA LEU B 247 17.97 -10.13 5.21
C LEU B 247 17.37 -11.41 4.66
N SER B 248 17.45 -12.50 5.43
CA SER B 248 16.88 -13.77 4.99
C SER B 248 15.38 -13.65 4.76
N LEU B 249 14.66 -13.07 5.72
CA LEU B 249 13.22 -12.88 5.54
C LEU B 249 12.94 -11.90 4.41
N VAL B 250 13.73 -10.81 4.33
CA VAL B 250 13.48 -9.81 3.30
C VAL B 250 13.61 -10.41 1.92
N ARG B 251 14.56 -11.33 1.74
CA ARG B 251 14.77 -11.96 0.44
C ARG B 251 13.89 -13.20 0.23
N ASN B 252 13.31 -13.76 1.29
CA ASN B 252 12.41 -14.91 1.15
C ASN B 252 10.94 -14.50 1.17
N LEU B 253 10.66 -13.20 1.25
CA LEU B 253 9.27 -12.75 1.20
C LEU B 253 8.57 -13.18 -0.08
N ASN B 254 9.27 -13.10 -1.23
CA ASN B 254 8.65 -13.49 -2.49
C ASN B 254 8.30 -14.98 -2.50
N ASN B 255 9.19 -15.82 -1.97
CA ASN B 255 8.90 -17.24 -1.88
C ASN B 255 7.76 -17.50 -0.89
N LEU B 256 7.67 -16.69 0.17
CA LEU B 256 6.53 -16.78 1.06
C LEU B 256 5.24 -16.49 0.32
N PHE B 257 5.20 -15.42 -0.47
CA PHE B 257 3.99 -15.07 -1.21
C PHE B 257 3.66 -16.10 -2.28
N LYS B 258 4.67 -16.78 -2.81
CA LYS B 258 4.43 -17.82 -3.81
C LYS B 258 3.50 -18.90 -3.28
N HIS B 259 3.50 -19.14 -1.96
CA HIS B 259 2.64 -20.13 -1.33
C HIS B 259 1.43 -19.50 -0.64
N GLY B 260 1.16 -18.23 -0.88
CA GLY B 260 0.03 -17.57 -0.25
C GLY B 260 0.23 -17.23 1.20
N LEU B 261 1.48 -17.12 1.66
CA LEU B 261 1.74 -16.84 3.07
C LEU B 261 1.32 -15.44 3.47
N LEU B 262 1.37 -14.48 2.53
CA LEU B 262 1.06 -13.09 2.85
C LEU B 262 -0.41 -12.86 3.16
N GLU B 263 -1.29 -13.80 2.83
CA GLU B 263 -2.72 -13.63 3.04
C GLU B 263 -3.18 -14.06 4.43
N ASN B 264 -2.32 -14.70 5.21
CA ASN B 264 -2.68 -15.12 6.56
C ASN B 264 -2.52 -13.96 7.53
N LEU B 265 -3.43 -13.86 8.49
CA LEU B 265 -3.42 -12.72 9.42
C LEU B 265 -2.25 -12.80 10.40
N GLU B 266 -2.00 -14.00 10.94
CA GLU B 266 -0.90 -14.16 11.88
C GLU B 266 0.46 -13.96 11.21
N VAL B 267 0.61 -14.49 9.99
CA VAL B 267 1.83 -14.25 9.23
C VAL B 267 1.96 -12.77 8.88
N LYS B 268 0.83 -12.14 8.55
CA LYS B 268 0.79 -10.69 8.38
C LYS B 268 1.39 -9.97 9.59
N LYS B 269 0.89 -10.31 10.78
CA LYS B 269 1.35 -9.63 11.99
C LYS B 269 2.83 -9.91 12.25
N THR B 270 3.26 -11.15 12.08
CA THR B 270 4.65 -11.49 12.35
C THR B 270 5.59 -10.76 11.38
N ILE B 271 5.23 -10.71 10.10
CA ILE B 271 6.06 -10.02 9.13
C ILE B 271 6.06 -8.52 9.42
N GLU B 272 4.94 -7.98 9.89
CA GLU B 272 4.91 -6.57 10.29
C GLU B 272 5.85 -6.31 11.46
N ASP B 273 5.82 -7.18 12.48
CA ASP B 273 6.69 -6.98 13.64
C ASP B 273 8.16 -7.06 13.25
N LYS B 274 8.52 -8.01 12.38
CA LYS B 274 9.91 -8.10 11.97
C LYS B 274 10.30 -6.95 11.05
N PHE B 275 9.36 -6.46 10.23
CA PHE B 275 9.64 -5.33 9.35
C PHE B 275 9.83 -4.04 10.11
N SER B 276 9.16 -3.88 11.25
CA SER B 276 9.35 -2.68 12.04
C SER B 276 10.79 -2.51 12.50
N ARG B 277 11.55 -3.61 12.53
CA ARG B 277 12.98 -3.55 12.82
C ARG B 277 13.84 -3.71 11.57
N SER B 278 13.30 -3.39 10.39
CA SER B 278 14.10 -3.50 9.17
C SER B 278 15.29 -2.57 9.21
N GLY B 279 15.08 -1.32 9.66
CA GLY B 279 16.19 -0.41 9.81
C GLY B 279 17.09 -0.79 10.97
N SER B 280 16.56 -1.55 11.93
CA SER B 280 17.37 -1.95 13.08
C SER B 280 18.56 -2.81 12.64
N TRP B 281 18.34 -3.77 11.74
CA TRP B 281 19.46 -4.46 11.15
C TRP B 281 20.09 -3.60 10.06
N LYS B 282 21.37 -3.84 9.78
CA LYS B 282 22.08 -3.12 8.73
C LYS B 282 21.81 -3.76 7.36
N ILE B 283 20.52 -3.94 7.07
CA ILE B 283 20.11 -4.23 5.70
C ILE B 283 20.43 -3.01 4.85
N PHE B 284 21.10 -3.24 3.74
CA PHE B 284 21.49 -2.13 2.88
C PHE B 284 20.28 -1.63 2.09
N PRO B 285 20.27 -0.35 1.71
CA PRO B 285 19.07 0.21 1.07
C PRO B 285 18.66 -0.52 -0.20
N PHE B 286 19.62 -0.99 -0.99
CA PHE B 286 19.26 -1.61 -2.25
C PHE B 286 18.47 -2.88 -2.00
N GLN B 287 18.67 -3.51 -0.84
CA GLN B 287 17.92 -4.72 -0.52
C GLN B 287 16.46 -4.40 -0.24
N TYR B 288 16.20 -3.34 0.55
CA TYR B 288 14.81 -2.91 0.72
C TYR B 288 14.17 -2.60 -0.62
N TYR B 289 14.85 -1.83 -1.47
CA TYR B 289 14.20 -1.42 -2.71
C TYR B 289 14.04 -2.59 -3.67
N SER B 290 14.98 -3.54 -3.67
CA SER B 290 14.85 -4.72 -4.51
C SER B 290 13.70 -5.59 -4.07
N ALA B 291 13.54 -5.79 -2.76
CA ALA B 291 12.40 -6.55 -2.28
C ALA B 291 11.09 -5.83 -2.57
N LEU B 292 11.09 -4.50 -2.43
CA LEU B 292 9.88 -3.71 -2.63
C LEU B 292 9.45 -3.70 -4.09
N LYS B 293 10.41 -3.69 -5.02
CA LYS B 293 10.08 -3.73 -6.44
C LYS B 293 9.35 -5.02 -6.78
N MET B 294 9.86 -6.16 -6.31
CA MET B 294 9.18 -7.43 -6.52
C MET B 294 7.84 -7.45 -5.79
N GLY B 295 7.75 -6.81 -4.63
CA GLY B 295 6.49 -6.76 -3.92
C GLY B 295 5.41 -6.03 -4.69
N GLU B 296 5.74 -4.88 -5.27
CA GLU B 296 4.76 -4.14 -6.06
C GLU B 296 4.50 -4.84 -7.39
N LYS B 297 5.51 -5.54 -7.93
CA LYS B 297 5.32 -6.27 -9.17
C LYS B 297 4.36 -7.44 -9.00
N GLU B 298 4.46 -8.14 -7.86
CA GLU B 298 3.68 -9.35 -7.62
C GLU B 298 2.39 -9.07 -6.86
N GLY B 299 2.09 -7.80 -6.59
CA GLY B 299 0.83 -7.46 -5.95
C GLY B 299 0.67 -7.98 -4.55
N TRP B 300 1.71 -7.81 -3.71
CA TRP B 300 1.61 -8.22 -2.32
C TRP B 300 0.56 -7.38 -1.60
N PRO B 301 -0.03 -7.91 -0.53
CA PRO B 301 -0.97 -7.12 0.25
C PRO B 301 -0.30 -5.86 0.79
N TYR B 302 -1.07 -4.78 0.86
CA TYR B 302 -0.50 -3.45 1.01
C TYR B 302 0.14 -3.21 2.37
N TRP B 303 -0.13 -4.06 3.37
CA TRP B 303 0.52 -3.88 4.66
C TRP B 303 2.03 -4.05 4.55
N ILE B 304 2.47 -5.05 3.81
CA ILE B 304 3.90 -5.27 3.61
C ILE B 304 4.46 -4.26 2.62
N MET B 305 3.65 -3.84 1.66
CA MET B 305 4.12 -2.86 0.67
C MET B 305 4.39 -1.51 1.30
N ALA B 306 3.51 -1.05 2.18
CA ALA B 306 3.74 0.21 2.88
C ALA B 306 4.96 0.12 3.78
N LEU B 307 5.15 -1.03 4.42
CA LEU B 307 6.31 -1.19 5.29
C LEU B 307 7.61 -1.18 4.48
N LEU B 308 7.62 -1.81 3.31
CA LEU B 308 8.80 -1.74 2.45
C LEU B 308 9.05 -0.33 1.96
N GLU B 309 7.99 0.39 1.59
CA GLU B 309 8.18 1.75 1.07
C GLU B 309 8.66 2.69 2.17
N GLU B 310 8.23 2.47 3.42
CA GLU B 310 8.75 3.29 4.50
C GLU B 310 10.12 2.81 4.97
N ALA B 311 10.45 1.54 4.71
CA ALA B 311 11.80 1.06 4.96
C ALA B 311 12.78 1.60 3.94
N LEU B 312 12.29 2.06 2.79
CA LEU B 312 13.13 2.83 1.89
C LEU B 312 13.58 4.14 2.54
N GLU B 313 12.97 4.52 3.66
CA GLU B 313 13.63 5.40 4.64
C GLU B 313 14.71 4.57 5.32
N SER B 314 15.75 4.26 4.55
CA SER B 314 16.75 3.29 4.96
C SER B 314 17.44 3.74 6.23
N SER B 315 17.84 2.77 7.04
CA SER B 315 18.74 3.05 8.15
C SER B 315 19.95 3.79 7.62
N ALA B 316 20.11 5.03 8.06
CA ALA B 316 21.01 5.96 7.39
C ALA B 316 22.42 5.40 7.31
N PRO B 317 23.06 5.43 6.16
CA PRO B 317 24.47 5.03 6.08
C PRO B 317 25.28 5.87 7.05
N GLU B 318 25.81 5.22 8.08
CA GLU B 318 26.43 5.92 9.19
C GLU B 318 27.65 6.70 8.69
N THR B 319 27.65 8.00 8.97
CA THR B 319 28.62 8.91 8.38
C THR B 319 29.23 9.78 9.46
N ARG B 320 30.55 9.97 9.38
CA ARG B 320 31.21 10.97 10.19
C ARG B 320 31.09 12.35 9.55
N LEU B 321 30.90 12.40 8.23
CA LEU B 321 30.70 13.67 7.54
C LEU B 321 29.46 14.37 8.07
N GLU B 322 29.65 15.58 8.60
CA GLU B 322 28.58 16.37 9.19
C GLU B 322 28.68 17.81 8.74
N GLY B 323 27.55 18.50 8.69
CA GLY B 323 27.48 19.89 8.30
C GLY B 323 26.71 20.03 7.01
N GLU B 324 26.81 21.22 6.41
CA GLU B 324 26.14 21.48 5.14
C GLU B 324 26.71 20.57 4.06
N THR B 325 25.83 19.91 3.32
CA THR B 325 26.22 18.94 2.31
C THR B 325 25.39 19.16 1.06
N LEU B 326 25.95 18.77 -0.08
CA LEU B 326 25.23 18.85 -1.37
C LEU B 326 25.55 17.56 -2.13
N PHE B 327 24.54 16.71 -2.27
CA PHE B 327 24.71 15.39 -2.89
C PHE B 327 24.25 15.45 -4.35
N LEU B 328 25.23 15.54 -5.25
CA LEU B 328 24.97 15.44 -6.69
C LEU B 328 24.98 13.96 -7.09
N VAL B 329 23.81 13.34 -6.94
CA VAL B 329 23.73 11.89 -7.16
C VAL B 329 23.48 11.59 -8.63
N ASP B 330 24.18 10.57 -9.13
CA ASP B 330 23.89 10.07 -10.48
C ASP B 330 22.54 9.38 -10.50
N VAL B 331 21.73 9.73 -11.50
CA VAL B 331 20.51 9.00 -11.80
C VAL B 331 20.50 8.67 -13.28
N SER B 332 21.68 8.64 -13.89
CA SER B 332 21.79 8.39 -15.33
C SER B 332 21.41 6.96 -15.66
N GLY B 333 20.84 6.78 -16.86
CA GLY B 333 20.38 5.47 -17.27
C GLY B 333 21.48 4.43 -17.32
N SER B 334 22.67 4.83 -17.77
CA SER B 334 23.81 3.93 -17.76
C SER B 334 24.22 3.53 -16.35
N MET B 335 24.01 4.42 -15.38
CA MET B 335 24.26 4.15 -13.97
C MET B 335 23.15 3.28 -13.40
N TYR B 336 22.21 2.86 -14.27
CA TYR B 336 21.03 2.07 -13.94
C TYR B 336 21.26 0.56 -14.11
N TYR B 337 22.46 0.07 -13.87
CA TYR B 337 22.73 -1.35 -14.07
C TYR B 337 22.59 -2.10 -12.74
N PRO B 338 21.78 -3.16 -12.68
CA PRO B 338 21.39 -3.71 -11.37
C PRO B 338 22.57 -4.10 -10.50
N VAL B 339 22.42 -3.88 -9.19
CA VAL B 339 23.48 -4.21 -8.24
C VAL B 339 23.80 -5.70 -8.29
N SER B 340 22.77 -6.53 -8.33
CA SER B 340 22.91 -7.96 -8.53
C SER B 340 21.97 -8.40 -9.63
N ARG B 341 22.31 -9.52 -10.28
CA ARG B 341 21.52 -10.00 -11.41
C ARG B 341 20.10 -10.35 -10.98
N ASN B 342 19.96 -11.02 -9.84
CA ASN B 342 18.62 -11.39 -9.37
C ASN B 342 17.80 -10.17 -9.00
N SER B 343 18.41 -9.19 -8.35
CA SER B 343 17.69 -7.99 -7.94
C SER B 343 17.29 -7.16 -9.16
N ASN B 344 15.99 -7.01 -9.37
CA ASN B 344 15.51 -6.12 -10.43
C ASN B 344 15.91 -4.67 -10.17
N LEU B 345 16.16 -4.31 -8.91
CA LEU B 345 16.61 -2.97 -8.59
C LEU B 345 17.91 -2.65 -9.30
N HIS B 346 17.98 -1.46 -9.87
CA HIS B 346 19.18 -1.03 -10.57
C HIS B 346 20.11 -0.26 -9.62
N MET B 347 21.35 -0.07 -10.06
CA MET B 347 22.39 0.45 -9.18
C MET B 347 22.07 1.88 -8.74
N ALA B 348 21.53 2.69 -9.64
CA ALA B 348 21.20 4.06 -9.28
C ALA B 348 20.07 4.12 -8.27
N GLU B 349 19.27 3.06 -8.17
CA GLU B 349 18.35 2.98 -7.04
C GLU B 349 19.10 2.99 -5.71
N ALA B 350 20.12 2.14 -5.60
CA ALA B 350 20.93 2.11 -4.39
C ALA B 350 21.62 3.45 -4.16
N ALA B 351 22.22 4.01 -5.21
CA ALA B 351 22.92 5.29 -5.07
C ALA B 351 21.98 6.41 -4.65
N SER B 352 20.81 6.49 -5.29
CA SER B 352 19.87 7.55 -5.00
C SER B 352 19.25 7.41 -3.62
N VAL B 353 18.95 6.18 -3.19
CA VAL B 353 18.42 5.99 -1.85
C VAL B 353 19.47 6.33 -0.81
N LEU B 354 20.73 5.94 -1.05
CA LEU B 354 21.82 6.33 -0.16
C LEU B 354 21.90 7.85 -0.04
N ALA B 355 21.94 8.55 -1.17
CA ALA B 355 22.03 10.01 -1.14
C ALA B 355 20.80 10.63 -0.51
N THR B 356 19.63 10.01 -0.71
CA THR B 356 18.38 10.58 -0.20
C THR B 356 18.33 10.49 1.32
N VAL B 357 18.65 9.32 1.88
CA VAL B 357 18.70 9.20 3.33
C VAL B 357 19.81 10.08 3.89
N LEU B 358 20.92 10.19 3.16
CA LEU B 358 22.02 11.03 3.63
C LEU B 358 21.60 12.49 3.72
N VAL B 359 20.87 12.99 2.72
CA VAL B 359 20.46 14.39 2.74
C VAL B 359 19.32 14.60 3.75
N LYS B 360 18.50 13.57 3.97
CA LYS B 360 17.39 13.72 4.91
C LYS B 360 17.89 13.65 6.35
N ARG B 361 19.05 13.01 6.57
CA ARG B 361 19.61 12.94 7.91
C ARG B 361 20.54 14.12 8.18
N LEU B 362 21.48 14.38 7.26
CA LEU B 362 22.48 15.42 7.45
C LEU B 362 22.03 16.81 6.98
N GLY B 363 20.82 16.92 6.43
CA GLY B 363 20.41 18.17 5.81
C GLY B 363 21.10 18.37 4.49
N GLY B 364 21.13 19.63 4.05
CA GLY B 364 21.77 19.97 2.80
C GLY B 364 20.83 19.84 1.62
N GLU B 365 21.44 19.85 0.44
CA GLU B 365 20.71 19.88 -0.83
C GLU B 365 20.92 18.58 -1.60
N LEU B 366 19.81 17.92 -1.94
CA LEU B 366 19.80 16.77 -2.84
C LEU B 366 19.61 17.24 -4.29
N TRP B 367 20.70 17.27 -5.03
CA TRP B 367 20.59 17.46 -6.46
C TRP B 367 20.79 16.12 -7.20
N THR B 368 19.74 15.71 -7.90
CA THR B 368 19.83 14.54 -8.78
C THR B 368 20.17 15.01 -10.18
N PHE B 369 21.25 14.49 -10.74
CA PHE B 369 21.60 14.87 -12.10
C PHE B 369 21.73 13.62 -12.98
N ALA B 370 20.93 13.58 -14.04
CA ALA B 370 21.23 12.78 -15.21
C ALA B 370 21.37 13.72 -16.39
N ASP B 371 20.36 14.56 -16.59
CA ASP B 371 20.38 15.62 -17.58
C ASP B 371 20.06 16.98 -16.98
N GLU B 372 19.12 17.05 -16.05
CA GLU B 372 18.71 18.29 -15.42
C GLU B 372 19.05 18.22 -13.94
N ALA B 373 19.44 19.35 -13.37
CA ALA B 373 19.83 19.42 -11.96
C ALA B 373 18.58 19.68 -11.13
N GLN B 374 17.98 18.60 -10.66
CA GLN B 374 16.76 18.70 -9.87
C GLN B 374 17.16 18.85 -8.41
N ASP B 375 16.67 19.92 -7.76
CA ASP B 375 16.89 20.14 -6.33
C ASP B 375 15.65 19.62 -5.60
N TYR B 376 15.80 18.49 -4.92
CA TYR B 376 14.69 17.89 -4.20
C TYR B 376 14.56 18.43 -2.78
N THR B 377 15.37 19.42 -2.40
CA THR B 377 15.25 19.98 -1.06
C THR B 377 13.90 20.67 -0.86
N GLY B 378 13.23 21.04 -1.95
CA GLY B 378 11.89 21.56 -1.85
C GLY B 378 10.83 20.46 -1.84
N HIS B 379 11.19 19.27 -2.30
CA HIS B 379 10.31 18.11 -2.29
C HIS B 379 10.62 17.17 -1.13
N THR B 380 11.24 17.70 -0.07
CA THR B 380 11.55 16.89 1.10
C THR B 380 10.30 16.39 1.81
N HIS B 381 9.21 17.15 1.76
CA HIS B 381 7.97 16.78 2.45
C HIS B 381 7.39 15.46 1.97
N LEU B 382 7.71 15.01 0.76
CA LEU B 382 7.30 13.68 0.34
C LEU B 382 8.01 12.61 1.17
N SER B 383 7.35 11.46 1.30
CA SER B 383 8.00 10.30 1.92
C SER B 383 9.21 9.90 1.10
N THR B 384 10.15 9.20 1.74
CA THR B 384 11.39 8.85 1.07
C THR B 384 11.14 7.91 -0.11
N TYR B 385 10.19 6.98 0.03
CA TYR B 385 9.82 6.19 -1.14
C TYR B 385 9.23 7.07 -2.24
N SER B 386 8.42 8.06 -1.87
CA SER B 386 7.94 9.00 -2.87
C SER B 386 9.11 9.76 -3.49
N LEU B 387 10.11 10.10 -2.67
CA LEU B 387 11.31 10.77 -3.17
C LEU B 387 12.00 9.94 -4.23
N VAL B 388 12.31 8.68 -3.93
CA VAL B 388 13.07 7.87 -4.86
C VAL B 388 12.20 7.45 -6.05
N ARG B 389 10.88 7.37 -5.84
CA ARG B 389 9.99 7.03 -6.94
C ARG B 389 9.93 8.17 -7.95
N LYS B 390 9.83 9.41 -7.45
CA LYS B 390 9.91 10.56 -8.35
C LYS B 390 11.32 10.70 -8.93
N ILE B 391 12.32 10.17 -8.23
CA ILE B 391 13.66 10.09 -8.79
C ILE B 391 13.68 9.14 -9.98
N VAL B 392 12.91 8.05 -9.90
CA VAL B 392 12.75 7.15 -11.04
C VAL B 392 11.98 7.84 -12.16
N ARG B 393 10.97 8.63 -11.80
CA ARG B 393 10.16 9.31 -12.81
C ARG B 393 10.96 10.39 -13.54
N GLU B 394 11.66 11.24 -12.79
CA GLU B 394 12.38 12.36 -13.36
C GLU B 394 13.82 12.03 -13.71
N GLY B 395 14.37 10.93 -13.18
CA GLY B 395 15.72 10.53 -13.50
C GLY B 395 15.79 9.77 -14.80
N ARG B 396 16.90 9.06 -14.98
CA ARG B 396 17.21 8.25 -16.17
C ARG B 396 17.59 9.18 -17.33
N GLY B 397 18.51 8.74 -18.17
CA GLY B 397 18.96 9.53 -19.28
C GLY B 397 20.48 9.55 -19.37
N GLY B 398 21.01 10.69 -19.78
CA GLY B 398 22.44 10.86 -19.97
C GLY B 398 23.17 11.26 -18.71
N THR B 399 24.37 11.80 -18.89
CA THR B 399 25.24 12.21 -17.79
C THR B 399 25.86 13.55 -18.12
N TYR B 400 25.48 14.59 -17.38
CA TYR B 400 26.03 15.93 -17.55
C TYR B 400 26.43 16.47 -16.17
N LEU B 401 27.65 16.15 -15.75
CA LEU B 401 28.10 16.53 -14.41
C LEU B 401 28.50 18.00 -14.36
N GLU B 402 29.11 18.52 -15.44
CA GLU B 402 29.64 19.88 -15.40
C GLU B 402 28.53 20.91 -15.22
N ARG B 403 27.43 20.76 -15.95
CA ARG B 403 26.31 21.68 -15.79
C ARG B 403 25.70 21.57 -14.39
N ALA B 404 25.64 20.35 -13.85
CA ALA B 404 25.10 20.16 -12.50
C ALA B 404 25.94 20.87 -11.46
N ILE B 405 27.27 20.69 -11.52
CA ILE B 405 28.13 21.35 -10.53
C ILE B 405 28.11 22.85 -10.73
N ARG B 406 28.00 23.32 -11.98
CA ARG B 406 27.90 24.75 -12.23
C ARG B 406 26.64 25.33 -11.60
N LYS B 407 25.51 24.66 -11.79
CA LYS B 407 24.24 25.19 -11.29
C LYS B 407 24.17 25.12 -9.77
N ALA B 408 24.61 24.00 -9.19
CA ALA B 408 24.38 23.78 -7.76
C ALA B 408 25.43 24.45 -6.89
N ILE B 409 26.66 24.57 -7.37
CA ILE B 409 27.81 24.91 -6.53
C ILE B 409 28.35 26.30 -6.86
N LEU B 410 28.82 26.51 -8.09
CA LEU B 410 29.52 27.75 -8.41
C LEU B 410 28.56 28.91 -8.64
N ASP B 411 27.64 28.76 -9.60
CA ASP B 411 26.77 29.87 -9.97
C ASP B 411 25.90 30.31 -8.80
N ARG B 412 25.38 29.35 -8.03
CA ARG B 412 24.57 29.69 -6.87
C ARG B 412 25.40 29.95 -5.62
N SER B 413 26.71 29.71 -5.67
CA SER B 413 27.62 29.95 -4.55
C SER B 413 27.15 29.18 -3.30
N TRP B 414 27.08 27.87 -3.45
CA TRP B 414 26.63 27.00 -2.36
C TRP B 414 27.51 27.19 -1.12
N THR B 415 26.88 27.62 -0.02
CA THR B 415 27.61 27.97 1.19
C THR B 415 28.17 26.77 1.92
N GLY B 416 27.81 25.55 1.51
CA GLY B 416 28.31 24.38 2.20
C GLY B 416 29.78 24.12 1.89
N ARG B 417 30.33 23.10 2.57
CA ARG B 417 31.71 22.70 2.36
C ARG B 417 31.85 21.30 1.79
N ARG B 418 30.81 20.46 1.89
CA ARG B 418 30.88 19.08 1.45
C ARG B 418 30.02 18.88 0.22
N VAL B 419 30.64 18.38 -0.84
CA VAL B 419 29.93 18.08 -2.08
C VAL B 419 30.18 16.63 -2.44
N VAL B 420 29.19 15.77 -2.16
CA VAL B 420 29.33 14.35 -2.43
C VAL B 420 28.72 14.03 -3.78
N ILE B 421 29.52 13.47 -4.68
CA ILE B 421 29.04 13.09 -6.00
C ILE B 421 29.23 11.59 -6.19
N ILE B 422 28.19 10.82 -5.86
CA ILE B 422 28.18 9.41 -6.25
C ILE B 422 27.94 9.35 -7.75
N THR B 423 28.87 8.75 -8.48
CA THR B 423 28.86 8.82 -9.93
C THR B 423 29.55 7.58 -10.50
N ASP B 424 29.23 7.29 -11.75
CA ASP B 424 29.91 6.24 -12.52
C ASP B 424 30.63 6.84 -13.72
N GLU B 425 30.91 8.14 -13.68
CA GLU B 425 31.48 8.83 -14.82
C GLU B 425 32.87 8.30 -15.16
N GLN B 426 33.16 8.25 -16.46
CA GLN B 426 34.45 7.80 -16.93
C GLN B 426 35.50 8.90 -16.73
N THR B 427 36.76 8.52 -16.88
CA THR B 427 37.84 9.47 -16.72
C THR B 427 37.79 10.52 -17.82
N HIS B 428 37.91 11.79 -17.42
CA HIS B 428 37.93 12.91 -18.34
C HIS B 428 39.32 13.53 -18.34
N ASP B 429 39.58 14.36 -19.35
CA ASP B 429 40.82 15.12 -19.36
C ASP B 429 40.91 16.04 -18.16
N MET B 430 39.80 16.67 -17.79
CA MET B 430 39.75 17.62 -16.67
C MET B 430 38.41 17.41 -16.00
N PRO B 431 38.26 16.33 -15.22
CA PRO B 431 36.92 15.96 -14.72
C PRO B 431 36.32 16.97 -13.75
N TRP B 432 37.10 17.44 -12.77
CA TRP B 432 36.62 18.38 -11.77
C TRP B 432 37.64 19.51 -11.62
N GLU B 433 37.46 20.57 -12.40
CA GLU B 433 38.25 21.79 -12.23
C GLU B 433 37.41 22.97 -11.77
N ALA B 434 36.14 23.03 -12.17
CA ALA B 434 35.22 23.96 -11.53
C ALA B 434 35.10 23.64 -10.04
N LEU B 435 35.03 22.35 -9.71
CA LEU B 435 35.00 21.94 -8.31
C LEU B 435 36.28 22.36 -7.60
N LYS B 436 37.44 22.16 -8.23
CA LYS B 436 38.71 22.57 -7.62
C LYS B 436 38.77 24.07 -7.41
N ASP B 437 38.29 24.84 -8.38
CA ASP B 437 38.24 26.29 -8.21
C ASP B 437 37.32 26.68 -7.06
N TRP B 438 36.20 25.96 -6.91
CA TRP B 438 35.31 26.22 -5.79
C TRP B 438 36.00 25.93 -4.46
N LEU B 439 36.78 24.85 -4.40
CA LEU B 439 37.55 24.57 -3.18
C LEU B 439 38.56 25.67 -2.92
N ARG B 440 39.23 26.16 -3.96
CA ARG B 440 40.20 27.24 -3.80
C ARG B 440 39.53 28.56 -3.43
N SER B 441 38.24 28.72 -3.72
CA SER B 441 37.53 29.96 -3.41
C SER B 441 37.28 30.15 -1.93
N GLY B 442 37.45 29.11 -1.11
CA GLY B 442 37.17 29.21 0.31
C GLY B 442 38.06 28.29 1.12
N GLU B 443 37.84 28.32 2.44
CA GLU B 443 38.61 27.51 3.36
C GLU B 443 37.87 26.22 3.70
N ASN B 444 38.65 25.16 3.94
CA ASN B 444 38.11 23.86 4.32
C ASN B 444 37.07 23.36 3.33
N ARG B 445 37.31 23.61 2.05
CA ARG B 445 36.41 23.21 0.99
C ARG B 445 36.97 21.95 0.32
N VAL B 446 36.19 20.88 0.31
CA VAL B 446 36.69 19.56 -0.04
C VAL B 446 35.72 18.89 -1.02
N ALA B 447 36.25 17.96 -1.81
CA ALA B 447 35.47 17.18 -2.76
C ALA B 447 35.62 15.70 -2.43
N HIS B 448 34.56 14.93 -2.64
CA HIS B 448 34.48 13.54 -2.17
C HIS B 448 33.88 12.65 -3.28
N ILE B 449 34.44 12.74 -4.49
CA ILE B 449 33.95 11.95 -5.61
C ILE B 449 34.00 10.46 -5.26
N ILE B 450 33.01 9.71 -5.74
CA ILE B 450 32.97 8.25 -5.62
C ILE B 450 32.56 7.67 -6.96
N ASN B 451 33.52 7.04 -7.65
CA ASN B 451 33.29 6.43 -8.96
C ASN B 451 33.05 4.94 -8.77
N VAL B 452 31.90 4.45 -9.25
CA VAL B 452 31.47 3.10 -8.92
C VAL B 452 32.27 2.04 -9.68
N ALA B 453 32.96 2.44 -10.75
CA ALA B 453 33.58 1.48 -11.65
C ALA B 453 34.72 0.69 -11.02
N GLY B 454 35.28 1.16 -9.91
CA GLY B 454 36.42 0.49 -9.32
C GLY B 454 37.74 0.84 -9.94
N TYR B 455 37.79 1.84 -10.82
CA TYR B 455 39.00 2.19 -11.54
C TYR B 455 39.85 3.23 -10.84
N LEU B 456 39.40 3.78 -9.72
CA LEU B 456 40.18 4.78 -9.01
C LEU B 456 40.53 4.28 -7.61
N PRO B 457 41.68 4.67 -7.08
CA PRO B 457 42.12 4.15 -5.79
C PRO B 457 41.55 4.95 -4.61
N THR B 458 41.55 4.29 -3.45
CA THR B 458 41.28 4.98 -2.20
C THR B 458 42.47 5.89 -1.87
N ALA B 459 42.32 7.18 -2.19
CA ALA B 459 43.49 8.03 -2.33
C ALA B 459 43.32 9.37 -1.64
N PHE B 460 44.46 9.97 -1.29
CA PHE B 460 44.50 11.31 -0.74
C PHE B 460 43.82 12.28 -1.69
N PRO B 461 43.04 13.24 -1.18
CA PRO B 461 42.55 14.29 -2.06
C PRO B 461 43.69 15.08 -2.66
N GLU B 462 43.90 14.88 -3.96
CA GLU B 462 44.85 15.64 -4.75
C GLU B 462 44.13 16.85 -5.31
N ASP B 463 44.65 18.04 -5.02
CA ASP B 463 43.93 19.28 -5.26
C ASP B 463 42.57 19.25 -4.55
N ARG B 464 42.56 18.66 -3.34
CA ARG B 464 41.41 18.65 -2.45
C ARG B 464 40.24 17.85 -3.02
N ILE B 465 40.51 16.77 -3.74
CA ILE B 465 39.47 15.90 -4.30
C ILE B 465 39.77 14.46 -3.90
N ALA B 466 39.07 13.98 -2.88
CA ALA B 466 39.22 12.60 -2.40
C ALA B 466 38.30 11.69 -3.19
N LYS B 467 38.83 10.54 -3.61
CA LYS B 467 38.10 9.62 -4.46
C LYS B 467 38.07 8.23 -3.84
N VAL B 468 36.87 7.65 -3.74
CA VAL B 468 36.76 6.26 -3.33
C VAL B 468 37.15 5.34 -4.48
N GLY B 469 36.59 5.57 -5.66
CA GLY B 469 36.92 4.77 -6.82
C GLY B 469 36.48 3.33 -6.75
N GLY B 470 35.28 3.08 -6.24
CA GLY B 470 34.68 1.76 -6.32
C GLY B 470 33.32 1.74 -5.68
N TRP B 471 32.42 0.96 -6.26
CA TRP B 471 31.08 0.79 -5.71
C TRP B 471 31.15 -0.26 -4.60
N SER B 472 30.94 0.20 -3.37
CA SER B 472 30.95 -0.66 -2.21
C SER B 472 29.69 -0.40 -1.40
N ASP B 473 29.22 -1.43 -0.71
CA ASP B 473 28.04 -1.26 0.12
C ASP B 473 28.31 -0.35 1.33
N LYS B 474 29.58 -0.08 1.63
CA LYS B 474 29.99 0.82 2.70
C LYS B 474 30.83 1.96 2.15
N ILE B 475 30.37 2.55 1.04
CA ILE B 475 31.11 3.64 0.40
C ILE B 475 31.27 4.82 1.34
N ILE B 476 30.31 5.01 2.26
CA ILE B 476 30.34 6.15 3.16
C ILE B 476 31.56 6.12 4.05
N THR B 477 31.91 4.94 4.59
CA THR B 477 33.09 4.85 5.44
C THR B 477 34.38 5.00 4.63
N LEU B 478 34.37 4.56 3.37
CA LEU B 478 35.53 4.77 2.51
C LEU B 478 35.76 6.25 2.25
N ILE B 479 34.69 7.00 1.96
CA ILE B 479 34.84 8.44 1.74
C ILE B 479 35.21 9.14 3.04
N GLU B 480 34.74 8.61 4.18
CA GLU B 480 35.14 9.16 5.46
C GLU B 480 36.64 9.00 5.67
N SER B 481 37.18 7.82 5.32
CA SER B 481 38.61 7.60 5.42
C SER B 481 39.37 8.43 4.40
N LEU B 482 38.74 8.74 3.27
CA LEU B 482 39.39 9.55 2.24
C LEU B 482 39.40 11.03 2.63
N GLU B 483 38.50 11.43 3.53
CA GLU B 483 38.51 12.83 3.98
C GLU B 483 39.86 13.23 4.54
N VAL B 484 40.45 12.39 5.39
CA VAL B 484 41.82 12.66 5.84
C VAL B 484 42.80 12.48 4.70
N GLY B 485 42.69 11.37 3.97
CA GLY B 485 43.47 11.18 2.76
C GLY B 485 44.62 10.21 2.86
N GLU B 486 44.85 9.46 1.77
CA GLU B 486 45.80 8.36 1.75
C GLU B 486 47.21 8.78 2.16
N GLU B 487 47.72 9.89 1.64
CA GLU B 487 49.13 10.23 1.86
C GLU B 487 49.43 10.40 3.34
N GLY B 488 48.56 11.10 4.08
CA GLY B 488 48.66 11.20 5.52
C GLY B 488 47.68 10.34 6.29
N ILE B 489 47.32 9.16 5.77
CA ILE B 489 46.21 8.42 6.33
C ILE B 489 46.64 7.62 7.57
N ARG B 490 47.95 7.47 7.76
CA ARG B 490 48.48 6.60 8.81
C ARG B 490 48.03 7.07 10.20
N ASN B 491 48.06 8.39 10.43
CA ASN B 491 47.63 8.92 11.72
C ASN B 491 46.14 8.62 11.95
N PHE B 492 45.32 8.79 10.91
CA PHE B 492 43.91 8.47 11.04
C PHE B 492 43.71 7.01 11.42
N LEU B 493 44.44 6.11 10.75
CA LEU B 493 44.29 4.69 11.03
C LEU B 493 44.69 4.36 12.47
N VAL B 494 45.86 4.81 12.90
CA VAL B 494 46.33 4.44 14.23
C VAL B 494 45.42 5.05 15.29
N SER B 495 44.89 6.25 15.04
CA SER B 495 44.03 6.88 16.02
C SER B 495 42.65 6.25 16.07
N ASN B 496 42.14 5.75 14.94
CA ASN B 496 40.74 5.33 14.87
C ASN B 496 40.53 3.83 15.01
N TYR B 497 41.31 2.99 14.32
CA TYR B 497 41.01 1.57 14.24
C TYR B 497 42.00 0.80 15.12
N LEU B 498 41.53 0.36 16.28
CA LEU B 498 42.36 -0.33 17.26
C LEU B 498 42.32 -1.83 17.00
N PRO B 499 43.47 -2.46 16.70
CA PRO B 499 43.48 -3.90 16.50
C PRO B 499 43.57 -4.63 17.82
N PRO B 500 42.87 -5.78 17.95
CA PRO B 500 42.81 -6.63 19.15
C PRO B 500 44.16 -6.82 19.85
#